data_8AR3
#
_entry.id   8AR3
#
_cell.length_a   1.000
_cell.length_b   1.000
_cell.length_c   1.000
_cell.angle_alpha   90.00
_cell.angle_beta   90.00
_cell.angle_gamma   90.00
#
_symmetry.space_group_name_H-M   'P 1'
#
_entity_poly.entity_id   1
_entity_poly.type   'polypeptide(L)'
_entity_poly.pdbx_seq_one_letter_code
;MEALSWDCFALSLLAVALGLGVPMLHHLCGWDLWYCFHLCLAWLPWRGRQ
;
_entity_poly.pdbx_strand_id   A
#
# COMPACT_ATOMS: atom_id res chain seq x y z
N MET A 1 0.44 -6.41 25.41
CA MET A 1 0.20 -5.70 24.16
C MET A 1 -1.21 -5.12 24.13
N GLU A 2 -1.67 -4.63 25.26
CA GLU A 2 -3.00 -4.05 25.36
C GLU A 2 -3.09 -2.74 24.58
N ALA A 3 -2.31 -1.76 25.00
CA ALA A 3 -2.29 -0.46 24.33
C ALA A 3 -1.83 -0.59 22.88
N LEU A 4 -0.93 -1.55 22.64
CA LEU A 4 -0.41 -1.78 21.30
C LEU A 4 -0.77 -3.16 20.79
N SER A 5 -1.98 -3.28 20.23
CA SER A 5 -2.46 -4.56 19.71
C SER A 5 -2.07 -4.73 18.24
N TRP A 6 -1.72 -5.95 17.87
CA TRP A 6 -1.33 -6.24 16.49
C TRP A 6 -2.54 -6.21 15.57
N ASP A 7 -3.64 -6.81 16.02
CA ASP A 7 -4.87 -6.85 15.23
C ASP A 7 -5.25 -5.45 14.76
N CYS A 8 -5.02 -4.46 15.60
CA CYS A 8 -5.34 -3.07 15.26
C CYS A 8 -4.20 -2.42 14.49
N PHE A 9 -3.00 -2.98 14.63
CA PHE A 9 -1.82 -2.44 13.94
C PHE A 9 -1.91 -2.72 12.44
N ALA A 10 -2.13 -3.97 12.09
CA ALA A 10 -2.23 -4.37 10.69
C ALA A 10 -3.27 -3.54 9.96
N LEU A 11 -4.52 -3.64 10.41
CA LEU A 11 -5.62 -2.89 9.80
C LEU A 11 -5.26 -1.41 9.67
N SER A 12 -4.56 -0.89 10.67
CA SER A 12 -4.15 0.51 10.68
C SER A 12 -3.15 0.79 9.56
N LEU A 13 -2.28 -0.18 9.30
CA LEU A 13 -1.26 -0.04 8.26
C LEU A 13 -1.90 0.01 6.88
N LEU A 14 -2.81 -0.93 6.61
CA LEU A 14 -3.50 -0.99 5.33
C LEU A 14 -4.22 0.32 5.04
N ALA A 15 -4.77 0.94 6.07
CA ALA A 15 -5.47 2.21 5.92
C ALA A 15 -4.56 3.30 5.39
N VAL A 16 -3.30 3.28 5.83
CA VAL A 16 -2.32 4.27 5.40
C VAL A 16 -1.73 3.88 4.03
N ALA A 17 -1.40 2.61 3.88
CA ALA A 17 -0.83 2.13 2.62
C ALA A 17 -1.78 2.38 1.46
N LEU A 18 -3.03 1.96 1.61
CA LEU A 18 -4.04 2.14 0.57
C LEU A 18 -4.52 3.58 0.51
N GLY A 19 -4.61 4.21 1.68
CA GLY A 19 -5.06 5.60 1.75
C GLY A 19 -4.11 6.54 1.04
N LEU A 20 -2.82 6.28 1.14
CA LEU A 20 -1.80 7.11 0.51
C LEU A 20 -1.46 6.58 -0.88
N GLY A 21 -1.48 5.26 -1.02
CA GLY A 21 -1.16 4.65 -2.30
C GLY A 21 -2.23 4.90 -3.34
N VAL A 22 -3.49 4.91 -2.89
CA VAL A 22 -4.61 5.13 -3.80
C VAL A 22 -4.43 6.41 -4.60
N PRO A 23 -4.28 7.54 -3.90
CA PRO A 23 -4.09 8.85 -4.52
C PRO A 23 -2.72 8.98 -5.19
N MET A 24 -1.73 8.29 -4.63
CA MET A 24 -0.38 8.32 -5.18
C MET A 24 -0.31 7.63 -6.54
N LEU A 25 -1.03 6.51 -6.65
CA LEU A 25 -1.06 5.75 -7.89
C LEU A 25 -2.10 6.31 -8.85
N HIS A 26 -3.17 6.88 -8.30
CA HIS A 26 -4.23 7.46 -9.11
C HIS A 26 -3.66 8.45 -10.13
N HIS A 27 -2.61 9.16 -9.73
CA HIS A 27 -1.98 10.14 -10.61
C HIS A 27 -1.32 9.45 -11.80
N LEU A 28 -0.84 8.23 -11.58
CA LEU A 28 -0.17 7.47 -12.63
C LEU A 28 -1.16 7.10 -13.74
N CYS A 29 -2.27 6.47 -13.35
CA CYS A 29 -3.29 6.07 -14.30
C CYS A 29 -4.55 6.92 -14.16
N GLY A 30 -4.35 8.22 -13.95
CA GLY A 30 -5.47 9.13 -13.80
C GLY A 30 -5.04 10.58 -13.67
N TRP A 31 -4.61 11.16 -14.78
CA TRP A 31 -4.16 12.55 -14.80
C TRP A 31 -5.19 13.46 -14.14
N ASP A 32 -4.71 14.37 -13.30
CA ASP A 32 -5.59 15.31 -12.61
C ASP A 32 -4.84 16.60 -12.26
N LEU A 33 -5.56 17.54 -11.67
CA LEU A 33 -4.98 18.83 -11.30
C LEU A 33 -4.16 18.69 -10.02
N TRP A 34 -4.61 17.83 -9.12
CA TRP A 34 -3.92 17.60 -7.86
C TRP A 34 -2.43 17.33 -8.10
N TYR A 35 -2.13 16.67 -9.21
CA TYR A 35 -0.76 16.34 -9.55
C TYR A 35 0.08 17.60 -9.71
N CYS A 36 -0.52 18.64 -10.26
CA CYS A 36 0.17 19.91 -10.46
C CYS A 36 0.62 20.50 -9.13
N PHE A 37 -0.32 20.64 -8.20
CA PHE A 37 -0.02 21.19 -6.89
C PHE A 37 0.98 20.32 -6.13
N HIS A 38 0.73 19.01 -6.14
CA HIS A 38 1.62 18.07 -5.45
C HIS A 38 3.02 18.13 -6.03
N LEU A 39 3.11 18.34 -7.35
CA LEU A 39 4.39 18.41 -8.03
C LEU A 39 5.24 19.55 -7.47
N CYS A 40 4.72 20.76 -7.56
CA CYS A 40 5.42 21.94 -7.07
C CYS A 40 5.58 21.88 -5.54
N LEU A 41 4.55 21.39 -4.87
CA LEU A 41 4.57 21.27 -3.42
C LEU A 41 5.65 20.30 -2.96
N ALA A 42 5.86 19.24 -3.73
CA ALA A 42 6.87 18.24 -3.40
C ALA A 42 8.27 18.77 -3.67
N TRP A 43 8.40 19.59 -4.71
CA TRP A 43 9.69 20.17 -5.07
C TRP A 43 10.15 21.16 -4.02
N LEU A 44 9.19 21.78 -3.33
CA LEU A 44 9.51 22.76 -2.29
C LEU A 44 10.55 22.22 -1.32
N PRO A 45 11.28 23.13 -0.67
CA PRO A 45 12.33 22.77 0.30
C PRO A 45 11.74 22.17 1.57
N TRP A 46 10.62 22.72 2.02
CA TRP A 46 9.97 22.24 3.23
C TRP A 46 8.46 22.39 3.13
N ARG A 47 7.82 21.43 2.46
CA ARG A 47 6.37 21.46 2.29
C ARG A 47 5.66 21.48 3.64
N GLY A 48 4.33 21.46 3.60
CA GLY A 48 3.57 21.48 4.83
C GLY A 48 2.83 22.79 5.03
N ARG A 49 3.02 23.40 6.21
CA ARG A 49 2.37 24.66 6.53
C ARG A 49 3.28 25.54 7.38
N GLN A 50 3.21 26.85 7.16
CA GLN A 50 4.03 27.80 7.92
C GLN A 50 3.69 27.75 9.40
N MET A 1 -0.46 -1.61 28.82
CA MET A 1 -1.82 -2.07 28.60
C MET A 1 -2.07 -2.38 27.13
N GLU A 2 -1.08 -2.98 26.48
CA GLU A 2 -1.18 -3.33 25.06
C GLU A 2 -1.49 -2.09 24.22
N ALA A 3 -0.63 -1.07 24.35
CA ALA A 3 -0.80 0.16 23.60
C ALA A 3 -0.49 -0.05 22.12
N LEU A 4 0.43 -0.96 21.82
CA LEU A 4 0.80 -1.25 20.45
C LEU A 4 0.43 -2.68 20.07
N SER A 5 -0.82 -2.89 19.70
CA SER A 5 -1.31 -4.22 19.33
C SER A 5 -1.12 -4.45 17.83
N TRP A 6 -0.67 -5.65 17.48
CA TRP A 6 -0.45 -6.02 16.09
C TRP A 6 -1.77 -6.05 15.31
N ASP A 7 -2.79 -6.63 15.93
CA ASP A 7 -4.11 -6.72 15.30
C ASP A 7 -4.57 -5.36 14.82
N CYS A 8 -4.24 -4.32 15.57
CA CYS A 8 -4.63 -2.96 15.21
C CYS A 8 -3.58 -2.32 14.30
N PHE A 9 -2.35 -2.80 14.40
CA PHE A 9 -1.26 -2.27 13.58
C PHE A 9 -1.49 -2.58 12.10
N ALA A 10 -1.81 -3.83 11.81
CA ALA A 10 -2.05 -4.26 10.44
C ALA A 10 -3.32 -3.62 9.88
N LEU A 11 -4.44 -3.82 10.57
CA LEU A 11 -5.72 -3.26 10.15
C LEU A 11 -5.59 -1.77 9.89
N SER A 12 -4.78 -1.09 10.68
CA SER A 12 -4.57 0.34 10.53
C SER A 12 -3.59 0.64 9.41
N LEU A 13 -2.58 -0.22 9.26
CA LEU A 13 -1.58 -0.06 8.23
C LEU A 13 -2.21 -0.03 6.84
N LEU A 14 -3.21 -0.89 6.64
CA LEU A 14 -3.91 -0.96 5.37
C LEU A 14 -4.64 0.35 5.06
N ALA A 15 -5.15 0.99 6.11
CA ALA A 15 -5.85 2.26 5.95
C ALA A 15 -4.93 3.34 5.41
N VAL A 16 -3.70 3.37 5.90
CA VAL A 16 -2.72 4.35 5.45
C VAL A 16 -2.09 3.94 4.14
N ALA A 17 -1.71 2.68 4.02
CA ALA A 17 -1.10 2.16 2.81
C ALA A 17 -1.98 2.43 1.59
N LEU A 18 -3.26 2.06 1.70
CA LEU A 18 -4.20 2.26 0.61
C LEU A 18 -4.62 3.72 0.52
N GLY A 19 -4.73 4.38 1.66
CA GLY A 19 -5.12 5.78 1.68
C GLY A 19 -4.12 6.67 0.99
N LEU A 20 -2.84 6.39 1.19
CA LEU A 20 -1.77 7.17 0.57
C LEU A 20 -1.37 6.59 -0.77
N GLY A 21 -1.44 5.26 -0.88
CA GLY A 21 -1.07 4.59 -2.11
C GLY A 21 -2.07 4.86 -3.24
N VAL A 22 -3.36 4.84 -2.89
CA VAL A 22 -4.41 5.07 -3.87
C VAL A 22 -4.13 6.34 -4.69
N PRO A 23 -4.00 7.47 -3.99
CA PRO A 23 -3.73 8.76 -4.62
C PRO A 23 -2.32 8.84 -5.21
N MET A 24 -1.38 8.13 -4.58
CA MET A 24 0.01 8.12 -5.04
C MET A 24 0.12 7.42 -6.38
N LEU A 25 -0.66 6.36 -6.57
CA LEU A 25 -0.64 5.61 -7.82
C LEU A 25 -1.34 6.38 -8.93
N HIS A 26 -2.39 7.10 -8.58
CA HIS A 26 -3.15 7.90 -9.54
C HIS A 26 -2.25 8.94 -10.21
N HIS A 27 -1.34 9.51 -9.43
CA HIS A 27 -0.42 10.52 -9.93
C HIS A 27 0.84 9.87 -10.51
N LEU A 28 1.19 8.71 -9.99
CA LEU A 28 2.37 7.98 -10.45
C LEU A 28 2.35 7.82 -11.96
N CYS A 29 1.21 7.42 -12.50
CA CYS A 29 1.06 7.25 -13.94
C CYS A 29 0.18 8.33 -14.55
N GLY A 30 0.35 9.56 -14.06
CA GLY A 30 -0.43 10.67 -14.56
C GLY A 30 0.41 11.69 -15.30
N TRP A 31 1.58 12.00 -14.74
CA TRP A 31 2.48 12.97 -15.36
C TRP A 31 3.93 12.68 -14.99
N ASP A 32 4.83 12.87 -15.94
CA ASP A 32 6.25 12.61 -15.72
C ASP A 32 6.97 13.91 -15.36
N LEU A 33 6.40 14.67 -14.43
CA LEU A 33 7.00 15.93 -14.01
C LEU A 33 8.17 15.70 -13.06
N TRP A 34 8.04 14.67 -12.22
CA TRP A 34 9.08 14.33 -11.26
C TRP A 34 10.43 14.20 -11.95
N TYR A 35 10.43 13.56 -13.12
CA TYR A 35 11.66 13.36 -13.88
C TYR A 35 12.27 14.70 -14.30
N CYS A 36 11.40 15.66 -14.62
CA CYS A 36 11.86 16.98 -15.04
C CYS A 36 12.75 17.60 -13.97
N PHE A 37 12.30 17.56 -12.72
CA PHE A 37 13.06 18.13 -11.62
C PHE A 37 14.19 17.19 -11.20
N HIS A 38 13.88 15.90 -11.14
CA HIS A 38 14.86 14.89 -10.75
C HIS A 38 16.14 15.03 -11.57
N LEU A 39 15.98 15.41 -12.84
CA LEU A 39 17.11 15.57 -13.75
C LEU A 39 18.00 16.71 -13.28
N CYS A 40 17.47 17.92 -13.28
CA CYS A 40 18.22 19.10 -12.87
C CYS A 40 18.76 18.92 -11.45
N LEU A 41 17.95 18.33 -10.59
CA LEU A 41 18.34 18.10 -9.20
C LEU A 41 19.48 17.09 -9.11
N ALA A 42 19.39 16.03 -9.92
CA ALA A 42 20.41 15.00 -9.93
C ALA A 42 21.74 15.54 -10.46
N TRP A 43 21.66 16.50 -11.37
CA TRP A 43 22.84 17.11 -11.96
C TRP A 43 23.40 18.21 -11.05
N LEU A 44 22.50 18.92 -10.38
CA LEU A 44 22.90 20.00 -9.48
C LEU A 44 23.96 19.53 -8.49
N PRO A 45 24.77 20.46 -8.00
CA PRO A 45 25.84 20.18 -7.05
C PRO A 45 25.31 19.78 -5.68
N TRP A 46 24.22 20.42 -5.27
CA TRP A 46 23.60 20.14 -3.98
C TRP A 46 23.45 18.63 -3.75
N ARG A 47 22.87 17.96 -4.74
CA ARG A 47 22.67 16.52 -4.65
C ARG A 47 23.98 15.80 -4.31
N GLY A 48 23.85 14.64 -3.67
CA GLY A 48 25.04 13.89 -3.30
C GLY A 48 24.72 12.78 -2.31
N ARG A 49 23.56 12.17 -2.46
CA ARG A 49 23.14 11.09 -1.56
C ARG A 49 23.10 11.57 -0.12
N GLN A 50 22.56 12.76 0.09
CA GLN A 50 22.45 13.33 1.42
C GLN A 50 21.02 13.24 1.96
N MET A 1 -0.78 -5.84 22.47
CA MET A 1 -1.05 -4.88 23.53
C MET A 1 -2.54 -4.67 23.71
N GLU A 2 -2.92 -3.83 24.66
CA GLU A 2 -4.33 -3.55 24.93
C GLU A 2 -4.80 -2.34 24.13
N ALA A 3 -3.91 -1.36 23.97
CA ALA A 3 -4.25 -0.15 23.22
C ALA A 3 -3.96 -0.33 21.73
N LEU A 4 -2.94 -1.12 21.43
CA LEU A 4 -2.56 -1.37 20.04
C LEU A 4 -2.39 -2.87 19.79
N SER A 5 -3.50 -3.52 19.40
CA SER A 5 -3.48 -4.95 19.12
C SER A 5 -3.16 -5.21 17.65
N TRP A 6 -2.87 -6.47 17.34
CA TRP A 6 -2.55 -6.87 15.97
C TRP A 6 -3.65 -6.45 15.00
N ASP A 7 -4.89 -6.77 15.37
CA ASP A 7 -6.04 -6.43 14.53
C ASP A 7 -6.01 -4.96 14.15
N CYS A 8 -5.50 -4.12 15.04
CA CYS A 8 -5.42 -2.69 14.80
C CYS A 8 -4.12 -2.33 14.09
N PHE A 9 -3.08 -3.10 14.35
CA PHE A 9 -1.78 -2.87 13.74
C PHE A 9 -1.85 -3.01 12.23
N ALA A 10 -2.31 -4.17 11.77
CA ALA A 10 -2.45 -4.43 10.34
C ALA A 10 -3.44 -3.48 9.69
N LEU A 11 -4.65 -3.45 10.23
CA LEU A 11 -5.71 -2.59 9.71
C LEU A 11 -5.20 -1.15 9.56
N SER A 12 -4.50 -0.66 10.57
CA SER A 12 -3.97 0.70 10.55
C SER A 12 -2.98 0.87 9.41
N LEU A 13 -2.14 -0.14 9.20
CA LEU A 13 -1.13 -0.10 8.14
C LEU A 13 -1.80 -0.04 6.77
N LEU A 14 -2.81 -0.86 6.56
CA LEU A 14 -3.53 -0.90 5.29
C LEU A 14 -4.23 0.44 5.04
N ALA A 15 -4.70 1.06 6.11
CA ALA A 15 -5.39 2.35 6.00
C ALA A 15 -4.45 3.43 5.49
N VAL A 16 -3.22 3.42 5.98
CA VAL A 16 -2.22 4.40 5.57
C VAL A 16 -1.62 4.04 4.22
N ALA A 17 -1.17 2.81 4.09
CA ALA A 17 -0.57 2.33 2.86
C ALA A 17 -1.53 2.50 1.68
N LEU A 18 -2.75 2.01 1.85
CA LEU A 18 -3.77 2.10 0.81
C LEU A 18 -4.36 3.51 0.74
N GLY A 19 -4.49 4.14 1.90
CA GLY A 19 -5.03 5.48 1.95
C GLY A 19 -4.20 6.48 1.16
N LEU A 20 -2.88 6.38 1.29
CA LEU A 20 -1.98 7.27 0.58
C LEU A 20 -1.58 6.69 -0.77
N GLY A 21 -1.49 5.36 -0.82
CA GLY A 21 -1.11 4.70 -2.06
C GLY A 21 -2.19 4.81 -3.12
N VAL A 22 -3.44 4.65 -2.71
CA VAL A 22 -4.56 4.73 -3.65
C VAL A 22 -4.47 5.99 -4.51
N PRO A 23 -4.45 7.16 -3.85
CA PRO A 23 -4.35 8.45 -4.53
C PRO A 23 -3.00 8.67 -5.19
N MET A 24 -1.96 8.08 -4.60
CA MET A 24 -0.61 8.22 -5.12
C MET A 24 -0.46 7.48 -6.46
N LEU A 25 -1.17 6.36 -6.58
CA LEU A 25 -1.12 5.56 -7.80
C LEU A 25 -1.39 6.42 -9.03
N HIS A 26 -2.36 7.32 -8.91
CA HIS A 26 -2.72 8.21 -10.01
C HIS A 26 -1.49 8.98 -10.51
N HIS A 27 -0.62 9.35 -9.57
CA HIS A 27 0.59 10.10 -9.91
C HIS A 27 1.73 9.15 -10.26
N LEU A 28 1.64 7.92 -9.76
CA LEU A 28 2.67 6.91 -10.01
C LEU A 28 2.54 6.35 -11.42
N CYS A 29 1.30 6.27 -11.91
CA CYS A 29 1.05 5.75 -13.25
C CYS A 29 0.95 6.88 -14.26
N GLY A 30 1.74 7.93 -14.05
CA GLY A 30 1.73 9.07 -14.96
C GLY A 30 2.07 8.68 -16.37
N TRP A 31 2.90 7.65 -16.53
CA TRP A 31 3.30 7.18 -17.85
C TRP A 31 2.09 6.80 -18.69
N ASP A 32 2.33 6.28 -19.89
CA ASP A 32 1.26 5.87 -20.78
C ASP A 32 1.05 4.36 -20.72
N LEU A 33 1.06 3.81 -19.50
CA LEU A 33 0.88 2.38 -19.30
C LEU A 33 -0.59 2.01 -19.40
N TRP A 34 -1.45 2.84 -18.83
CA TRP A 34 -2.89 2.59 -18.85
C TRP A 34 -3.41 2.57 -20.28
N TYR A 35 -2.80 3.37 -21.14
CA TYR A 35 -3.21 3.43 -22.54
C TYR A 35 -2.97 2.10 -23.24
N CYS A 36 -1.85 1.47 -22.94
CA CYS A 36 -1.50 0.19 -23.53
C CYS A 36 -2.59 -0.84 -23.29
N PHE A 37 -3.17 -0.81 -22.09
CA PHE A 37 -4.22 -1.74 -21.73
C PHE A 37 -5.58 -1.24 -22.21
N HIS A 38 -5.77 0.07 -22.14
CA HIS A 38 -7.03 0.70 -22.57
C HIS A 38 -7.27 0.44 -24.05
N LEU A 39 -6.20 0.36 -24.83
CA LEU A 39 -6.31 0.12 -26.26
C LEU A 39 -6.98 -1.21 -26.55
N CYS A 40 -6.36 -2.30 -26.10
CA CYS A 40 -6.91 -3.64 -26.30
C CYS A 40 -8.27 -3.78 -25.63
N LEU A 41 -8.38 -3.25 -24.41
CA LEU A 41 -9.63 -3.33 -23.66
C LEU A 41 -10.75 -2.60 -24.39
N ALA A 42 -10.40 -1.48 -25.04
CA ALA A 42 -11.37 -0.70 -25.78
C ALA A 42 -11.78 -1.40 -27.07
N TRP A 43 -10.87 -2.20 -27.62
CA TRP A 43 -11.13 -2.94 -28.85
C TRP A 43 -11.68 -4.33 -28.55
N LEU A 44 -12.19 -4.51 -27.33
CA LEU A 44 -12.75 -5.79 -26.93
C LEU A 44 -14.15 -5.99 -27.49
N PRO A 45 -14.56 -7.25 -27.64
CA PRO A 45 -15.88 -7.59 -28.17
C PRO A 45 -17.00 -7.25 -27.19
N TRP A 46 -16.79 -7.57 -25.92
CA TRP A 46 -17.79 -7.29 -24.90
C TRP A 46 -18.23 -5.83 -24.94
N ARG A 47 -17.25 -4.92 -25.05
CA ARG A 47 -17.53 -3.50 -25.11
C ARG A 47 -16.51 -2.78 -25.98
N GLY A 48 -16.96 -1.72 -26.65
CA GLY A 48 -16.06 -0.96 -27.51
C GLY A 48 -15.63 0.34 -26.88
N ARG A 49 -16.52 0.95 -26.09
CA ARG A 49 -16.22 2.22 -25.44
C ARG A 49 -15.25 2.01 -24.28
N GLN A 50 -15.68 1.23 -23.29
CA GLN A 50 -14.84 0.97 -22.12
C GLN A 50 -14.38 -0.49 -22.11
N MET A 1 -0.04 -3.53 27.97
CA MET A 1 0.81 -3.28 26.82
C MET A 1 0.09 -3.63 25.52
N GLU A 2 -1.09 -3.06 25.33
CA GLU A 2 -1.88 -3.30 24.14
C GLU A 2 -1.78 -2.14 23.16
N ALA A 3 -0.60 -1.57 23.06
CA ALA A 3 -0.37 -0.44 22.16
C ALA A 3 0.13 -0.92 20.80
N LEU A 4 0.88 -2.01 20.80
CA LEU A 4 1.42 -2.58 19.57
C LEU A 4 0.57 -3.75 19.08
N SER A 5 -0.73 -3.68 19.37
CA SER A 5 -1.65 -4.74 18.97
C SER A 5 -1.55 -5.01 17.47
N TRP A 6 -1.47 -6.29 17.10
CA TRP A 6 -1.37 -6.67 15.70
C TRP A 6 -2.67 -6.40 14.97
N ASP A 7 -3.79 -6.70 15.62
CA ASP A 7 -5.11 -6.48 15.03
C ASP A 7 -5.23 -5.06 14.51
N CYS A 8 -4.75 -4.10 15.28
CA CYS A 8 -4.82 -2.69 14.89
C CYS A 8 -3.61 -2.30 14.07
N PHE A 9 -2.52 -3.06 14.22
CA PHE A 9 -1.29 -2.78 13.49
C PHE A 9 -1.50 -2.91 11.99
N ALA A 10 -2.03 -4.06 11.58
CA ALA A 10 -2.28 -4.31 10.16
C ALA A 10 -3.48 -3.50 9.67
N LEU A 11 -4.56 -3.51 10.44
CA LEU A 11 -5.76 -2.76 10.09
C LEU A 11 -5.44 -1.29 9.84
N SER A 12 -4.74 -0.68 10.79
CA SER A 12 -4.38 0.73 10.67
C SER A 12 -3.35 0.94 9.57
N LEU A 13 -2.45 -0.04 9.40
CA LEU A 13 -1.42 0.04 8.38
C LEU A 13 -2.04 0.03 6.98
N LEU A 14 -2.95 -0.89 6.76
CA LEU A 14 -3.62 -1.01 5.46
C LEU A 14 -4.40 0.26 5.13
N ALA A 15 -4.95 0.88 6.16
CA ALA A 15 -5.71 2.12 5.99
C ALA A 15 -4.84 3.24 5.44
N VAL A 16 -3.60 3.31 5.94
CA VAL A 16 -2.67 4.33 5.50
C VAL A 16 -2.00 3.95 4.19
N ALA A 17 -1.57 2.69 4.09
CA ALA A 17 -0.92 2.20 2.88
C ALA A 17 -1.82 2.41 1.66
N LEU A 18 -3.06 1.95 1.75
CA LEU A 18 -4.00 2.08 0.66
C LEU A 18 -4.50 3.53 0.54
N GLY A 19 -4.76 4.16 1.67
CA GLY A 19 -5.22 5.53 1.68
C GLY A 19 -4.26 6.48 1.00
N LEU A 20 -2.96 6.24 1.20
CA LEU A 20 -1.93 7.08 0.61
C LEU A 20 -1.50 6.53 -0.75
N GLY A 21 -1.51 5.21 -0.88
CA GLY A 21 -1.12 4.58 -2.12
C GLY A 21 -2.12 4.82 -3.23
N VAL A 22 -3.41 4.80 -2.89
CA VAL A 22 -4.46 5.02 -3.87
C VAL A 22 -4.21 6.30 -4.67
N PRO A 23 -4.12 7.43 -3.95
CA PRO A 23 -3.88 8.75 -4.57
C PRO A 23 -2.47 8.87 -5.14
N MET A 24 -1.52 8.18 -4.52
CA MET A 24 -0.13 8.21 -4.97
C MET A 24 0.01 7.56 -6.35
N LEU A 25 -0.67 6.43 -6.54
CA LEU A 25 -0.62 5.71 -7.80
C LEU A 25 -1.62 6.28 -8.79
N HIS A 26 -2.79 6.69 -8.29
CA HIS A 26 -3.83 7.25 -9.13
C HIS A 26 -3.31 8.45 -9.90
N HIS A 27 -2.49 9.26 -9.25
CA HIS A 27 -1.93 10.45 -9.88
C HIS A 27 -0.63 10.11 -10.61
N LEU A 28 0.10 9.12 -10.10
CA LEU A 28 1.35 8.69 -10.70
C LEU A 28 1.13 8.23 -12.15
N CYS A 29 0.21 7.29 -12.31
CA CYS A 29 -0.09 6.76 -13.64
C CYS A 29 1.17 6.29 -14.34
N GLY A 30 2.05 5.63 -13.58
CA GLY A 30 3.30 5.14 -14.16
C GLY A 30 3.34 3.63 -14.21
N TRP A 31 2.19 3.00 -14.42
CA TRP A 31 2.11 1.55 -14.50
C TRP A 31 2.85 1.03 -15.72
N ASP A 32 3.64 -0.03 -15.52
CA ASP A 32 4.41 -0.62 -16.60
C ASP A 32 4.68 -2.09 -16.34
N LEU A 33 5.23 -2.79 -17.33
CA LEU A 33 5.53 -4.21 -17.20
C LEU A 33 6.81 -4.41 -16.39
N TRP A 34 7.79 -3.53 -16.60
CA TRP A 34 9.06 -3.61 -15.89
C TRP A 34 8.84 -3.71 -14.39
N TYR A 35 7.81 -3.04 -13.90
CA TYR A 35 7.49 -3.05 -12.48
C TYR A 35 7.07 -4.45 -12.02
N CYS A 36 6.32 -5.13 -12.88
CA CYS A 36 5.85 -6.48 -12.57
C CYS A 36 7.02 -7.39 -12.18
N PHE A 37 8.09 -7.33 -12.96
CA PHE A 37 9.27 -8.16 -12.71
C PHE A 37 10.13 -7.53 -11.61
N HIS A 38 10.29 -6.21 -11.66
CA HIS A 38 11.08 -5.50 -10.67
C HIS A 38 10.65 -5.88 -9.25
N LEU A 39 9.35 -6.09 -9.07
CA LEU A 39 8.82 -6.46 -7.77
C LEU A 39 9.46 -7.74 -7.25
N CYS A 40 9.27 -8.83 -7.99
CA CYS A 40 9.83 -10.12 -7.60
C CYS A 40 11.35 -10.06 -7.56
N LEU A 41 11.93 -9.29 -8.48
CA LEU A 41 13.39 -9.15 -8.54
C LEU A 41 13.92 -8.49 -7.28
N ALA A 42 13.26 -7.42 -6.84
CA ALA A 42 13.67 -6.71 -5.63
C ALA A 42 13.40 -7.53 -4.39
N TRP A 43 12.32 -8.31 -4.42
CA TRP A 43 11.95 -9.15 -3.28
C TRP A 43 12.96 -10.26 -3.07
N LEU A 44 13.74 -10.55 -4.11
CA LEU A 44 14.76 -11.60 -4.04
C LEU A 44 15.61 -11.45 -2.79
N PRO A 45 16.20 -12.57 -2.34
CA PRO A 45 17.06 -12.58 -1.15
C PRO A 45 18.38 -11.86 -1.37
N TRP A 46 18.95 -12.03 -2.56
CA TRP A 46 20.22 -11.39 -2.90
C TRP A 46 20.35 -11.20 -4.41
N ARG A 47 19.85 -10.07 -4.90
CA ARG A 47 19.90 -9.77 -6.33
C ARG A 47 21.32 -9.95 -6.86
N GLY A 48 21.45 -10.04 -8.19
CA GLY A 48 22.75 -10.19 -8.80
C GLY A 48 22.96 -9.24 -9.96
N ARG A 49 24.22 -8.87 -10.19
CA ARG A 49 24.56 -7.96 -11.28
C ARG A 49 25.80 -8.44 -12.02
N GLN A 50 25.75 -8.37 -13.34
CA GLN A 50 26.87 -8.80 -14.18
C GLN A 50 27.78 -7.61 -14.52
N MET A 1 -0.53 0.38 25.27
CA MET A 1 -0.61 -1.04 25.56
C MET A 1 -1.93 -1.38 26.25
N GLU A 2 -3.04 -0.97 25.64
CA GLU A 2 -4.36 -1.23 26.20
C GLU A 2 -4.94 -2.54 25.65
N ALA A 3 -4.94 -2.67 24.34
CA ALA A 3 -5.48 -3.88 23.69
C ALA A 3 -4.34 -4.82 23.31
N LEU A 4 -3.20 -4.27 22.97
CA LEU A 4 -2.04 -5.06 22.59
C LEU A 4 -2.41 -6.09 21.51
N SER A 5 -3.42 -5.75 20.72
CA SER A 5 -3.88 -6.62 19.64
C SER A 5 -3.14 -6.33 18.34
N TRP A 6 -2.63 -7.39 17.71
CA TRP A 6 -1.91 -7.25 16.45
C TRP A 6 -2.85 -6.97 15.29
N ASP A 7 -4.07 -7.51 15.39
CA ASP A 7 -5.07 -7.32 14.35
C ASP A 7 -5.28 -5.84 14.05
N CYS A 8 -5.40 -5.04 15.11
CA CYS A 8 -5.60 -3.60 14.95
C CYS A 8 -4.29 -2.91 14.58
N PHE A 9 -3.18 -3.56 14.89
CA PHE A 9 -1.86 -3.01 14.59
C PHE A 9 -1.65 -2.92 13.08
N ALA A 10 -1.73 -4.07 12.41
CA ALA A 10 -1.55 -4.13 10.96
C ALA A 10 -2.70 -3.46 10.24
N LEU A 11 -3.91 -3.64 10.77
CA LEU A 11 -5.10 -3.05 10.15
C LEU A 11 -4.91 -1.55 9.92
N SER A 12 -4.57 -0.83 10.98
CA SER A 12 -4.36 0.61 10.90
C SER A 12 -3.40 0.95 9.76
N LEU A 13 -2.34 0.16 9.64
CA LEU A 13 -1.35 0.37 8.60
C LEU A 13 -1.97 0.24 7.21
N LEU A 14 -2.76 -0.81 7.03
CA LEU A 14 -3.41 -1.06 5.74
C LEU A 14 -4.17 0.19 5.28
N ALA A 15 -4.78 0.89 6.22
CA ALA A 15 -5.53 2.09 5.91
C ALA A 15 -4.65 3.14 5.23
N VAL A 16 -3.45 3.32 5.77
CA VAL A 16 -2.50 4.29 5.22
C VAL A 16 -1.99 3.84 3.84
N ALA A 17 -1.65 2.57 3.73
CA ALA A 17 -1.16 2.02 2.48
C ALA A 17 -2.11 2.34 1.33
N LEU A 18 -3.39 2.08 1.53
CA LEU A 18 -4.41 2.35 0.52
C LEU A 18 -4.65 3.85 0.37
N GLY A 19 -4.96 4.50 1.48
CA GLY A 19 -5.21 5.93 1.47
C GLY A 19 -4.11 6.71 0.78
N LEU A 20 -2.88 6.21 0.89
CA LEU A 20 -1.74 6.86 0.27
C LEU A 20 -1.49 6.32 -1.13
N GLY A 21 -1.72 5.02 -1.32
CA GLY A 21 -1.52 4.41 -2.62
C GLY A 21 -2.54 4.87 -3.64
N VAL A 22 -3.71 5.26 -3.16
CA VAL A 22 -4.79 5.73 -4.04
C VAL A 22 -4.35 6.98 -4.82
N PRO A 23 -3.98 8.03 -4.08
CA PRO A 23 -3.53 9.29 -4.68
C PRO A 23 -2.17 9.16 -5.36
N MET A 24 -1.34 8.27 -4.85
CA MET A 24 -0.02 8.04 -5.41
C MET A 24 -0.10 7.29 -6.74
N LEU A 25 -0.91 6.22 -6.75
CA LEU A 25 -1.08 5.42 -7.95
C LEU A 25 -1.89 6.17 -9.00
N HIS A 26 -2.84 6.98 -8.54
CA HIS A 26 -3.68 7.76 -9.44
C HIS A 26 -2.84 8.55 -10.43
N HIS A 27 -1.70 9.06 -9.97
CA HIS A 27 -0.81 9.84 -10.82
C HIS A 27 -0.30 8.99 -11.98
N LEU A 28 -0.17 7.69 -11.75
CA LEU A 28 0.31 6.79 -12.79
C LEU A 28 -0.85 6.29 -13.65
N CYS A 29 -1.87 5.75 -13.01
CA CYS A 29 -3.04 5.24 -13.72
C CYS A 29 -2.65 4.19 -14.74
N GLY A 30 -2.01 3.12 -14.27
CA GLY A 30 -1.58 2.06 -15.15
C GLY A 30 -1.45 0.72 -14.44
N TRP A 31 -0.33 0.52 -13.77
CA TRP A 31 -0.08 -0.72 -13.04
C TRP A 31 0.33 -0.43 -11.60
N ASP A 32 0.14 -1.42 -10.72
CA ASP A 32 0.49 -1.27 -9.31
C ASP A 32 1.39 -2.43 -8.86
N LEU A 33 2.16 -2.18 -7.81
CA LEU A 33 3.06 -3.20 -7.27
C LEU A 33 2.29 -4.22 -6.43
N TRP A 34 1.27 -3.74 -5.72
CA TRP A 34 0.46 -4.60 -4.87
C TRP A 34 -0.19 -5.71 -5.69
N TYR A 35 -0.51 -5.40 -6.95
CA TYR A 35 -1.15 -6.37 -7.84
C TYR A 35 -0.17 -7.47 -8.21
N CYS A 36 1.10 -7.10 -8.38
CA CYS A 36 2.13 -8.07 -8.74
C CYS A 36 2.25 -9.16 -7.68
N PHE A 37 2.18 -8.76 -6.42
CA PHE A 37 2.29 -9.71 -5.31
C PHE A 37 0.93 -10.35 -5.01
N HIS A 38 -0.13 -9.55 -5.10
CA HIS A 38 -1.48 -10.05 -4.85
C HIS A 38 -1.81 -11.22 -5.75
N LEU A 39 -1.28 -11.20 -6.97
CA LEU A 39 -1.52 -12.27 -7.93
C LEU A 39 -0.99 -13.60 -7.41
N CYS A 40 0.30 -13.64 -7.10
CA CYS A 40 0.94 -14.85 -6.59
C CYS A 40 0.40 -15.20 -5.20
N LEU A 41 0.12 -14.17 -4.41
CA LEU A 41 -0.39 -14.38 -3.06
C LEU A 41 -1.79 -14.99 -3.10
N ALA A 42 -2.59 -14.57 -4.07
CA ALA A 42 -3.95 -15.08 -4.21
C ALA A 42 -3.94 -16.52 -4.72
N TRP A 43 -2.99 -16.83 -5.59
CA TRP A 43 -2.87 -18.17 -6.15
C TRP A 43 -2.47 -19.17 -5.08
N LEU A 44 -1.65 -18.72 -4.13
CA LEU A 44 -1.18 -19.58 -3.04
C LEU A 44 -2.35 -20.28 -2.36
N PRO A 45 -2.08 -21.43 -1.73
CA PRO A 45 -3.10 -22.21 -1.03
C PRO A 45 -3.57 -21.53 0.24
N TRP A 46 -2.63 -21.00 1.01
CA TRP A 46 -2.96 -20.31 2.26
C TRP A 46 -3.00 -18.79 2.05
N ARG A 47 -2.15 -18.30 1.17
CA ARG A 47 -2.09 -16.87 0.88
C ARG A 47 -1.65 -16.09 2.12
N GLY A 48 -0.47 -16.42 2.63
CA GLY A 48 0.04 -15.74 3.81
C GLY A 48 -0.77 -16.05 5.06
N ARG A 49 -0.82 -15.08 5.98
CA ARG A 49 -1.56 -15.26 7.22
C ARG A 49 -3.02 -14.81 7.05
N GLN A 50 -3.20 -13.64 6.45
CA GLN A 50 -4.54 -13.09 6.23
C GLN A 50 -4.60 -12.29 4.93
N MET A 1 -1.81 3.39 22.72
CA MET A 1 -0.52 3.03 22.16
C MET A 1 0.43 2.55 23.25
N GLU A 2 -0.11 1.78 24.19
CA GLU A 2 0.69 1.24 25.30
C GLU A 2 0.92 -0.25 25.13
N ALA A 3 -0.09 -0.95 24.61
CA ALA A 3 -0.01 -2.38 24.41
C ALA A 3 0.33 -2.70 22.95
N LEU A 4 -0.14 -1.87 22.04
CA LEU A 4 0.11 -2.07 20.61
C LEU A 4 -0.34 -3.47 20.18
N SER A 5 -1.57 -3.56 19.70
CA SER A 5 -2.11 -4.84 19.24
C SER A 5 -1.82 -5.05 17.76
N TRP A 6 -1.61 -6.31 17.39
CA TRP A 6 -1.32 -6.66 16.00
C TRP A 6 -2.54 -6.45 15.11
N ASP A 7 -3.70 -6.86 15.62
CA ASP A 7 -4.95 -6.71 14.88
C ASP A 7 -5.13 -5.28 14.38
N CYS A 8 -4.73 -4.32 15.21
CA CYS A 8 -4.85 -2.91 14.85
C CYS A 8 -3.61 -2.44 14.10
N PHE A 9 -2.49 -3.12 14.32
CA PHE A 9 -1.23 -2.76 13.66
C PHE A 9 -1.36 -2.89 12.15
N ALA A 10 -1.93 -4.01 11.70
CA ALA A 10 -2.12 -4.26 10.27
C ALA A 10 -3.35 -3.54 9.74
N LEU A 11 -4.45 -3.65 10.47
CA LEU A 11 -5.70 -3.00 10.08
C LEU A 11 -5.49 -1.51 9.86
N SER A 12 -4.76 -0.87 10.77
CA SER A 12 -4.50 0.56 10.67
C SER A 12 -3.49 0.85 9.56
N LEU A 13 -2.52 -0.05 9.41
CA LEU A 13 -1.50 0.11 8.38
C LEU A 13 -2.12 0.10 6.98
N LEU A 14 -3.09 -0.79 6.78
CA LEU A 14 -3.76 -0.89 5.49
C LEU A 14 -4.49 0.40 5.14
N ALA A 15 -5.04 1.06 6.16
CA ALA A 15 -5.76 2.31 5.96
C ALA A 15 -4.83 3.40 5.43
N VAL A 16 -3.60 3.42 5.92
CA VAL A 16 -2.62 4.40 5.49
C VAL A 16 -1.97 3.99 4.17
N ALA A 17 -1.64 2.71 4.05
CA ALA A 17 -1.02 2.19 2.84
C ALA A 17 -1.91 2.42 1.62
N LEU A 18 -3.17 2.03 1.74
CA LEU A 18 -4.13 2.19 0.65
C LEU A 18 -4.59 3.64 0.54
N GLY A 19 -4.72 4.30 1.69
CA GLY A 19 -5.16 5.69 1.70
C GLY A 19 -4.17 6.60 0.99
N LEU A 20 -2.88 6.34 1.18
CA LEU A 20 -1.84 7.16 0.56
C LEU A 20 -1.43 6.57 -0.79
N GLY A 21 -1.45 5.24 -0.88
CA GLY A 21 -1.07 4.58 -2.12
C GLY A 21 -2.09 4.80 -3.23
N VAL A 22 -3.37 4.78 -2.86
CA VAL A 22 -4.44 4.98 -3.82
C VAL A 22 -4.21 6.23 -4.66
N PRO A 23 -4.09 7.39 -3.98
CA PRO A 23 -3.86 8.67 -4.65
C PRO A 23 -2.46 8.77 -5.25
N MET A 24 -1.50 8.11 -4.62
CA MET A 24 -0.11 8.12 -5.09
C MET A 24 0.00 7.40 -6.43
N LEU A 25 -0.73 6.30 -6.57
CA LEU A 25 -0.69 5.52 -7.80
C LEU A 25 -1.67 6.09 -8.83
N HIS A 26 -2.83 6.52 -8.36
CA HIS A 26 -3.84 7.10 -9.24
C HIS A 26 -3.25 8.22 -10.08
N HIS A 27 -2.41 9.04 -9.47
CA HIS A 27 -1.78 10.15 -10.15
C HIS A 27 -0.57 9.69 -10.96
N LEU A 28 0.10 8.65 -10.46
CA LEU A 28 1.27 8.11 -11.14
C LEU A 28 0.93 7.64 -12.55
N CYS A 29 -0.09 6.78 -12.63
CA CYS A 29 -0.52 6.25 -13.93
C CYS A 29 0.66 5.69 -14.71
N GLY A 30 1.43 4.82 -14.06
CA GLY A 30 2.59 4.22 -14.71
C GLY A 30 3.16 3.06 -13.93
N TRP A 31 2.42 1.97 -13.87
CA TRP A 31 2.85 0.78 -13.15
C TRP A 31 4.20 0.29 -13.66
N ASP A 32 4.69 -0.81 -13.11
CA ASP A 32 5.96 -1.39 -13.51
C ASP A 32 5.99 -2.88 -13.26
N LEU A 33 6.28 -3.65 -14.31
CA LEU A 33 6.34 -5.10 -14.20
C LEU A 33 7.65 -5.56 -13.55
N TRP A 34 8.74 -4.87 -13.90
CA TRP A 34 10.04 -5.20 -13.35
C TRP A 34 10.02 -5.19 -11.82
N TYR A 35 9.21 -4.29 -11.27
CA TYR A 35 9.09 -4.18 -9.81
C TYR A 35 8.64 -5.50 -9.20
N CYS A 36 7.77 -6.20 -9.91
CA CYS A 36 7.26 -7.48 -9.43
C CYS A 36 8.40 -8.41 -9.05
N PHE A 37 9.43 -8.47 -9.89
CA PHE A 37 10.58 -9.32 -9.65
C PHE A 37 11.58 -8.63 -8.74
N HIS A 38 11.78 -7.34 -8.96
CA HIS A 38 12.72 -6.56 -8.15
C HIS A 38 12.34 -6.61 -6.67
N LEU A 39 11.05 -6.72 -6.40
CA LEU A 39 10.56 -6.78 -5.03
C LEU A 39 11.15 -7.98 -4.29
N CYS A 40 10.85 -9.18 -4.78
CA CYS A 40 11.35 -10.39 -4.17
C CYS A 40 12.88 -10.42 -4.19
N LEU A 41 13.46 -10.07 -5.32
CA LEU A 41 14.91 -10.05 -5.47
C LEU A 41 15.55 -9.11 -4.45
N ALA A 42 14.88 -7.99 -4.20
CA ALA A 42 15.39 -7.00 -3.25
C ALA A 42 15.09 -7.42 -1.82
N TRP A 43 14.00 -8.16 -1.63
CA TRP A 43 13.62 -8.64 -0.31
C TRP A 43 14.20 -10.02 -0.03
N LEU A 44 15.23 -10.39 -0.79
CA LEU A 44 15.88 -11.68 -0.62
C LEU A 44 16.57 -11.77 0.73
N PRO A 45 16.75 -13.01 1.22
CA PRO A 45 17.41 -13.27 2.51
C PRO A 45 18.89 -12.94 2.48
N TRP A 46 19.56 -13.37 1.41
CA TRP A 46 20.98 -13.13 1.26
C TRP A 46 21.33 -11.68 1.53
N ARG A 47 21.01 -10.80 0.58
CA ARG A 47 21.29 -9.38 0.73
C ARG A 47 20.75 -8.85 2.06
N GLY A 48 21.17 -7.64 2.43
CA GLY A 48 20.72 -7.04 3.66
C GLY A 48 20.07 -5.70 3.47
N ARG A 49 19.31 -5.24 4.45
CA ARG A 49 18.63 -3.96 4.38
C ARG A 49 19.63 -2.81 4.40
N GLN A 50 19.73 -2.09 3.28
CA GLN A 50 20.65 -0.97 3.18
C GLN A 50 20.13 0.23 3.95
N MET A 1 -15.33 -7.56 20.10
CA MET A 1 -14.45 -6.59 20.75
C MET A 1 -12.99 -6.86 20.40
N GLU A 2 -12.65 -6.73 19.12
CA GLU A 2 -11.30 -6.96 18.66
C GLU A 2 -10.65 -5.65 18.20
N ALA A 3 -11.09 -4.54 18.78
CA ALA A 3 -10.56 -3.23 18.42
C ALA A 3 -9.07 -3.15 18.71
N LEU A 4 -8.64 -3.85 19.75
CA LEU A 4 -7.23 -3.86 20.14
C LEU A 4 -6.57 -5.18 19.77
N SER A 5 -7.14 -5.86 18.78
CA SER A 5 -6.61 -7.15 18.34
C SER A 5 -5.60 -6.96 17.20
N TRP A 6 -5.08 -8.07 16.68
CA TRP A 6 -4.11 -8.02 15.59
C TRP A 6 -4.76 -7.50 14.31
N ASP A 7 -6.05 -7.76 14.16
CA ASP A 7 -6.78 -7.32 12.98
C ASP A 7 -6.78 -5.80 12.88
N CYS A 8 -6.84 -5.13 14.02
CA CYS A 8 -6.84 -3.68 14.06
C CYS A 8 -5.41 -3.12 14.06
N PHE A 9 -4.47 -3.96 14.49
CA PHE A 9 -3.07 -3.55 14.54
C PHE A 9 -2.50 -3.36 13.14
N ALA A 10 -2.69 -4.36 12.29
CA ALA A 10 -2.19 -4.30 10.92
C ALA A 10 -2.97 -3.28 10.11
N LEU A 11 -4.26 -3.18 10.36
CA LEU A 11 -5.11 -2.23 9.65
C LEU A 11 -4.51 -0.82 9.67
N SER A 12 -3.91 -0.45 10.80
CA SER A 12 -3.30 0.85 10.96
C SER A 12 -2.31 1.12 9.83
N LEU A 13 -1.54 0.11 9.47
CA LEU A 13 -0.55 0.22 8.40
C LEU A 13 -1.23 0.27 7.04
N LEU A 14 -2.18 -0.63 6.83
CA LEU A 14 -2.90 -0.71 5.56
C LEU A 14 -3.60 0.63 5.26
N ALA A 15 -4.19 1.22 6.28
CA ALA A 15 -4.89 2.49 6.14
C ALA A 15 -3.98 3.54 5.51
N VAL A 16 -2.70 3.49 5.86
CA VAL A 16 -1.71 4.43 5.34
C VAL A 16 -1.29 4.07 3.92
N ALA A 17 -0.78 2.86 3.76
CA ALA A 17 -0.35 2.37 2.46
C ALA A 17 -1.44 2.55 1.42
N LEU A 18 -2.66 2.14 1.77
CA LEU A 18 -3.80 2.25 0.86
C LEU A 18 -4.32 3.69 0.82
N GLY A 19 -4.30 4.34 1.97
CA GLY A 19 -4.78 5.71 2.06
C GLY A 19 -4.05 6.64 1.11
N LEU A 20 -2.72 6.53 1.10
CA LEU A 20 -1.90 7.38 0.23
C LEU A 20 -1.66 6.71 -1.12
N GLY A 21 -1.58 5.37 -1.10
CA GLY A 21 -1.36 4.63 -2.33
C GLY A 21 -2.54 4.69 -3.27
N VAL A 22 -3.74 4.76 -2.71
CA VAL A 22 -4.97 4.83 -3.50
C VAL A 22 -4.94 6.02 -4.45
N PRO A 23 -4.78 7.23 -3.87
CA PRO A 23 -4.74 8.47 -4.65
C PRO A 23 -3.45 8.59 -5.48
N MET A 24 -2.39 7.96 -5.00
CA MET A 24 -1.11 8.00 -5.69
C MET A 24 -1.14 7.11 -6.93
N LEU A 25 -1.38 5.83 -6.73
CA LEU A 25 -1.43 4.87 -7.83
C LEU A 25 -2.37 5.36 -8.93
N HIS A 26 -3.44 6.04 -8.53
CA HIS A 26 -4.41 6.57 -9.48
C HIS A 26 -3.72 7.38 -10.56
N HIS A 27 -2.65 8.08 -10.19
CA HIS A 27 -1.90 8.91 -11.13
C HIS A 27 -1.49 8.09 -12.36
N LEU A 28 -1.32 6.79 -12.17
CA LEU A 28 -0.93 5.90 -13.25
C LEU A 28 -1.83 6.09 -14.46
N CYS A 29 -3.12 6.30 -14.21
CA CYS A 29 -4.09 6.49 -15.28
C CYS A 29 -4.13 5.28 -16.20
N GLY A 30 -4.44 4.12 -15.64
CA GLY A 30 -4.51 2.90 -16.42
C GLY A 30 -5.58 1.95 -15.92
N TRP A 31 -5.23 1.14 -14.93
CA TRP A 31 -6.16 0.18 -14.37
C TRP A 31 -5.88 -0.06 -12.89
N ASP A 32 -6.90 -0.48 -12.15
CA ASP A 32 -6.76 -0.74 -10.73
C ASP A 32 -6.32 -2.19 -10.48
N LEU A 33 -5.44 -2.37 -9.51
CA LEU A 33 -4.95 -3.70 -9.17
C LEU A 33 -5.98 -4.48 -8.38
N TRP A 34 -6.69 -3.79 -7.49
CA TRP A 34 -7.72 -4.42 -6.67
C TRP A 34 -8.77 -5.11 -7.53
N TYR A 35 -9.05 -4.53 -8.69
CA TYR A 35 -10.03 -5.08 -9.61
C TYR A 35 -9.54 -6.42 -10.18
N CYS A 36 -8.26 -6.47 -10.53
CA CYS A 36 -7.67 -7.69 -11.08
C CYS A 36 -7.97 -8.89 -10.19
N PHE A 37 -7.83 -8.70 -8.88
CA PHE A 37 -8.07 -9.77 -7.93
C PHE A 37 -9.55 -9.87 -7.59
N HIS A 38 -10.22 -8.72 -7.50
CA HIS A 38 -11.64 -8.67 -7.18
C HIS A 38 -12.44 -9.53 -8.16
N LEU A 39 -11.98 -9.57 -9.41
CA LEU A 39 -12.66 -10.36 -10.44
C LEU A 39 -12.69 -11.84 -10.07
N CYS A 40 -11.50 -12.44 -9.98
CA CYS A 40 -11.38 -13.85 -9.64
C CYS A 40 -11.94 -14.12 -8.24
N LEU A 41 -11.73 -13.17 -7.34
CA LEU A 41 -12.21 -13.30 -5.97
C LEU A 41 -13.74 -13.34 -5.93
N ALA A 42 -14.38 -12.50 -6.74
CA ALA A 42 -15.82 -12.45 -6.81
C ALA A 42 -16.41 -13.74 -7.37
N TRP A 43 -15.75 -14.28 -8.39
CA TRP A 43 -16.20 -15.50 -9.02
C TRP A 43 -15.97 -16.70 -8.11
N LEU A 44 -14.88 -16.66 -7.35
CA LEU A 44 -14.55 -17.75 -6.43
C LEU A 44 -15.64 -17.92 -5.37
N PRO A 45 -15.74 -19.13 -4.82
CA PRO A 45 -16.72 -19.45 -3.79
C PRO A 45 -16.43 -18.76 -2.46
N TRP A 46 -15.15 -18.78 -2.06
CA TRP A 46 -14.74 -18.15 -0.81
C TRP A 46 -15.59 -18.64 0.36
N ARG A 47 -15.91 -19.94 0.35
CA ARG A 47 -16.73 -20.52 1.41
C ARG A 47 -16.16 -20.18 2.79
N GLY A 48 -17.04 -20.13 3.79
CA GLY A 48 -16.61 -19.80 5.14
C GLY A 48 -16.94 -20.90 6.12
N ARG A 49 -15.91 -21.45 6.76
CA ARG A 49 -16.10 -22.53 7.73
C ARG A 49 -17.11 -22.12 8.80
N GLN A 50 -17.08 -20.84 9.18
CA GLN A 50 -17.99 -20.32 10.20
C GLN A 50 -19.33 -19.94 9.57
N MET A 1 1.00 -7.11 24.85
CA MET A 1 0.82 -7.03 23.41
C MET A 1 -0.37 -7.87 22.95
N GLU A 2 -1.54 -7.55 23.51
CA GLU A 2 -2.77 -8.27 23.16
C GLU A 2 -3.84 -7.31 22.69
N ALA A 3 -3.88 -6.12 23.29
CA ALA A 3 -4.86 -5.11 22.92
C ALA A 3 -4.26 -4.07 21.99
N LEU A 4 -2.97 -3.80 22.17
CA LEU A 4 -2.27 -2.83 21.35
C LEU A 4 -1.11 -3.47 20.59
N SER A 5 -1.23 -4.77 20.33
CA SER A 5 -0.20 -5.50 19.62
C SER A 5 -0.16 -5.13 18.14
N TRP A 6 0.71 -5.78 17.39
CA TRP A 6 0.84 -5.49 15.96
C TRP A 6 -0.41 -5.91 15.21
N ASP A 7 -1.11 -6.93 15.72
CA ASP A 7 -2.33 -7.42 15.10
C ASP A 7 -3.34 -6.30 14.91
N CYS A 8 -3.32 -5.35 15.84
CA CYS A 8 -4.24 -4.20 15.79
C CYS A 8 -3.67 -3.09 14.93
N PHE A 9 -2.36 -3.14 14.69
CA PHE A 9 -1.69 -2.13 13.89
C PHE A 9 -1.83 -2.43 12.40
N ALA A 10 -1.84 -3.71 12.06
CA ALA A 10 -1.97 -4.14 10.67
C ALA A 10 -3.18 -3.48 10.01
N LEU A 11 -4.36 -3.72 10.57
CA LEU A 11 -5.59 -3.15 10.03
C LEU A 11 -5.46 -1.63 9.86
N SER A 12 -4.73 -1.00 10.79
CA SER A 12 -4.54 0.44 10.74
C SER A 12 -3.59 0.82 9.61
N LEU A 13 -2.58 -0.02 9.39
CA LEU A 13 -1.60 0.24 8.33
C LEU A 13 -2.26 0.19 6.96
N LEU A 14 -3.22 -0.71 6.79
CA LEU A 14 -3.93 -0.86 5.53
C LEU A 14 -4.60 0.45 5.12
N ALA A 15 -5.38 1.02 6.04
CA ALA A 15 -6.08 2.27 5.77
C ALA A 15 -5.11 3.34 5.25
N VAL A 16 -3.87 3.30 5.74
CA VAL A 16 -2.86 4.26 5.31
C VAL A 16 -2.25 3.85 3.98
N ALA A 17 -1.94 2.57 3.84
CA ALA A 17 -1.35 2.04 2.60
C ALA A 17 -2.22 2.39 1.40
N LEU A 18 -3.52 2.15 1.51
CA LEU A 18 -4.45 2.45 0.44
C LEU A 18 -4.77 3.93 0.36
N GLY A 19 -4.83 4.58 1.52
CA GLY A 19 -5.12 6.00 1.56
C GLY A 19 -4.07 6.83 0.86
N LEU A 20 -2.80 6.47 1.08
CA LEU A 20 -1.69 7.19 0.46
C LEU A 20 -1.31 6.56 -0.88
N GLY A 21 -1.47 5.24 -0.97
CA GLY A 21 -1.14 4.54 -2.20
C GLY A 21 -2.11 4.86 -3.32
N VAL A 22 -3.39 4.98 -2.98
CA VAL A 22 -4.41 5.27 -3.98
C VAL A 22 -4.04 6.49 -4.81
N PRO A 23 -3.82 7.63 -4.13
CA PRO A 23 -3.44 8.89 -4.79
C PRO A 23 -2.03 8.84 -5.36
N MET A 24 -1.15 8.08 -4.71
CA MET A 24 0.22 7.95 -5.15
C MET A 24 0.30 7.19 -6.47
N LEU A 25 -0.58 6.22 -6.65
CA LEU A 25 -0.61 5.42 -7.87
C LEU A 25 -1.42 6.12 -8.96
N HIS A 26 -2.53 6.73 -8.57
CA HIS A 26 -3.38 7.44 -9.51
C HIS A 26 -2.58 8.44 -10.34
N HIS A 27 -1.61 9.07 -9.70
CA HIS A 27 -0.75 10.05 -10.38
C HIS A 27 0.45 9.37 -11.02
N LEU A 28 0.85 8.23 -10.44
CA LEU A 28 1.99 7.49 -10.96
C LEU A 28 1.85 7.22 -12.45
N CYS A 29 0.65 6.83 -12.86
CA CYS A 29 0.37 6.54 -14.26
C CYS A 29 1.27 5.42 -14.78
N GLY A 30 1.13 4.25 -14.18
CA GLY A 30 1.94 3.11 -14.58
C GLY A 30 1.49 1.82 -13.93
N TRP A 31 0.34 1.31 -14.35
CA TRP A 31 -0.20 0.07 -13.81
C TRP A 31 0.79 -1.07 -13.95
N ASP A 32 0.40 -2.26 -13.51
CA ASP A 32 1.26 -3.43 -13.59
C ASP A 32 0.44 -4.71 -13.46
N LEU A 33 1.09 -5.84 -13.71
CA LEU A 33 0.42 -7.15 -13.63
C LEU A 33 -0.35 -7.27 -12.33
N TRP A 34 0.19 -6.70 -11.26
CA TRP A 34 -0.44 -6.75 -9.95
C TRP A 34 -1.91 -6.34 -10.05
N TYR A 35 -2.17 -5.30 -10.82
CA TYR A 35 -3.54 -4.79 -11.00
C TYR A 35 -4.45 -5.89 -11.54
N CYS A 36 -3.92 -6.70 -12.45
CA CYS A 36 -4.69 -7.79 -13.05
C CYS A 36 -5.25 -8.72 -11.97
N PHE A 37 -4.38 -9.22 -11.11
CA PHE A 37 -4.79 -10.11 -10.04
C PHE A 37 -5.82 -9.44 -9.14
N HIS A 38 -5.57 -8.19 -8.77
CA HIS A 38 -6.47 -7.44 -7.91
C HIS A 38 -7.86 -7.34 -8.54
N LEU A 39 -7.92 -6.84 -9.78
CA LEU A 39 -9.19 -6.70 -10.48
C LEU A 39 -9.93 -8.03 -10.53
N CYS A 40 -9.19 -9.11 -10.74
CA CYS A 40 -9.78 -10.44 -10.81
C CYS A 40 -10.54 -10.77 -9.53
N LEU A 41 -9.82 -10.74 -8.41
CA LEU A 41 -10.42 -11.04 -7.12
C LEU A 41 -11.50 -10.03 -6.76
N ALA A 42 -11.18 -8.75 -6.94
CA ALA A 42 -12.13 -7.68 -6.64
C ALA A 42 -13.40 -7.84 -7.46
N TRP A 43 -13.30 -8.56 -8.57
CA TRP A 43 -14.45 -8.78 -9.44
C TRP A 43 -15.50 -9.64 -8.74
N LEU A 44 -15.06 -10.49 -7.83
CA LEU A 44 -15.95 -11.37 -7.09
C LEU A 44 -17.11 -10.57 -6.48
N PRO A 45 -18.23 -11.25 -6.24
CA PRO A 45 -19.42 -10.63 -5.65
C PRO A 45 -19.23 -10.26 -4.19
N TRP A 46 -18.64 -11.17 -3.42
CA TRP A 46 -18.39 -10.93 -2.01
C TRP A 46 -17.13 -10.09 -1.81
N ARG A 47 -16.14 -10.31 -2.66
CA ARG A 47 -14.89 -9.58 -2.57
C ARG A 47 -14.96 -8.28 -3.38
N GLY A 48 -13.99 -7.40 -3.19
CA GLY A 48 -13.96 -6.15 -3.91
C GLY A 48 -12.96 -5.16 -3.33
N ARG A 49 -13.31 -3.88 -3.37
CA ARG A 49 -12.43 -2.83 -2.84
C ARG A 49 -13.24 -1.64 -2.38
N GLN A 50 -12.84 -1.07 -1.24
CA GLN A 50 -13.54 0.08 -0.68
C GLN A 50 -12.70 1.35 -0.82
N MET A 1 2.15 -6.10 25.59
CA MET A 1 2.08 -5.21 24.44
C MET A 1 0.63 -4.87 24.11
N GLU A 2 -0.09 -4.34 25.09
CA GLU A 2 -1.49 -3.97 24.91
C GLU A 2 -1.61 -2.69 24.07
N ALA A 3 -0.71 -1.75 24.31
CA ALA A 3 -0.71 -0.49 23.58
C ALA A 3 -0.37 -0.70 22.11
N LEU A 4 0.47 -1.70 21.85
CA LEU A 4 0.87 -2.01 20.48
C LEU A 4 0.33 -3.37 20.04
N SER A 5 -0.93 -3.39 19.62
CA SER A 5 -1.56 -4.63 19.18
C SER A 5 -1.36 -4.84 17.68
N TRP A 6 -1.04 -6.07 17.31
CA TRP A 6 -0.82 -6.41 15.91
C TRP A 6 -2.13 -6.39 15.13
N ASP A 7 -3.19 -6.88 15.76
CA ASP A 7 -4.51 -6.91 15.12
C ASP A 7 -4.87 -5.54 14.57
N CYS A 8 -4.61 -4.50 15.34
CA CYS A 8 -4.92 -3.13 14.92
C CYS A 8 -3.76 -2.53 14.13
N PHE A 9 -2.58 -3.12 14.29
CA PHE A 9 -1.40 -2.64 13.59
C PHE A 9 -1.55 -2.81 12.08
N ALA A 10 -2.00 -3.99 11.66
CA ALA A 10 -2.19 -4.29 10.26
C ALA A 10 -3.42 -3.57 9.71
N LEU A 11 -4.53 -3.67 10.42
CA LEU A 11 -5.78 -3.02 10.01
C LEU A 11 -5.58 -1.52 9.83
N SER A 12 -4.83 -0.92 10.76
CA SER A 12 -4.58 0.51 10.72
C SER A 12 -3.54 0.85 9.64
N LEU A 13 -2.55 -0.04 9.49
CA LEU A 13 -1.50 0.16 8.50
C LEU A 13 -2.07 0.18 7.09
N LEU A 14 -3.05 -0.70 6.84
CA LEU A 14 -3.68 -0.78 5.53
C LEU A 14 -4.37 0.53 5.17
N ALA A 15 -4.93 1.19 6.18
CA ALA A 15 -5.62 2.45 5.97
C ALA A 15 -4.66 3.51 5.43
N VAL A 16 -3.43 3.47 5.91
CA VAL A 16 -2.41 4.43 5.47
C VAL A 16 -1.80 4.01 4.15
N ALA A 17 -1.48 2.73 4.02
CA ALA A 17 -0.88 2.19 2.81
C ALA A 17 -1.79 2.40 1.61
N LEU A 18 -3.05 2.01 1.75
CA LEU A 18 -4.02 2.15 0.67
C LEU A 18 -4.50 3.60 0.56
N GLY A 19 -4.66 4.26 1.71
CA GLY A 19 -5.11 5.64 1.72
C GLY A 19 -4.14 6.56 1.01
N LEU A 20 -2.85 6.29 1.16
CA LEU A 20 -1.83 7.11 0.53
C LEU A 20 -1.43 6.53 -0.83
N GLY A 21 -1.43 5.21 -0.93
CA GLY A 21 -1.07 4.56 -2.18
C GLY A 21 -2.12 4.75 -3.26
N VAL A 22 -3.39 4.78 -2.85
CA VAL A 22 -4.48 4.96 -3.78
C VAL A 22 -4.30 6.22 -4.63
N PRO A 23 -4.18 7.38 -3.96
CA PRO A 23 -3.98 8.66 -4.62
C PRO A 23 -2.61 8.78 -5.27
N MET A 24 -1.62 8.14 -4.65
CA MET A 24 -0.25 8.17 -5.17
C MET A 24 -0.14 7.41 -6.49
N LEU A 25 -0.82 6.27 -6.57
CA LEU A 25 -0.81 5.47 -7.78
C LEU A 25 -1.85 5.96 -8.78
N HIS A 26 -2.89 6.61 -8.28
CA HIS A 26 -3.94 7.15 -9.12
C HIS A 26 -3.53 8.47 -9.74
N HIS A 27 -2.70 9.22 -9.04
CA HIS A 27 -2.23 10.51 -9.53
C HIS A 27 -1.06 10.34 -10.49
N LEU A 28 0.02 9.74 -9.99
CA LEU A 28 1.21 9.52 -10.81
C LEU A 28 1.12 8.21 -11.56
N CYS A 29 0.88 7.12 -10.83
CA CYS A 29 0.76 5.80 -11.43
C CYS A 29 2.09 5.36 -12.05
N GLY A 30 3.09 5.16 -11.19
CA GLY A 30 4.39 4.74 -11.66
C GLY A 30 5.49 5.02 -10.66
N TRP A 31 5.39 6.16 -9.99
CA TRP A 31 6.39 6.56 -9.01
C TRP A 31 5.76 6.73 -7.63
N ASP A 32 6.55 7.21 -6.67
CA ASP A 32 6.06 7.42 -5.32
C ASP A 32 6.81 8.56 -4.63
N LEU A 33 6.09 9.35 -3.85
CA LEU A 33 6.69 10.47 -3.15
C LEU A 33 7.56 9.99 -1.98
N TRP A 34 7.14 8.90 -1.35
CA TRP A 34 7.87 8.34 -0.23
C TRP A 34 9.34 8.13 -0.58
N TYR A 35 9.59 7.61 -1.78
CA TYR A 35 10.95 7.36 -2.24
C TYR A 35 11.70 8.68 -2.44
N CYS A 36 10.99 9.70 -2.90
CA CYS A 36 11.58 11.00 -3.15
C CYS A 36 12.15 11.59 -1.86
N PHE A 37 11.30 11.68 -0.83
CA PHE A 37 11.72 12.22 0.45
C PHE A 37 12.70 11.28 1.15
N HIS A 38 12.40 9.99 1.10
CA HIS A 38 13.25 8.98 1.73
C HIS A 38 14.68 9.07 1.20
N LEU A 39 14.81 9.40 -0.09
CA LEU A 39 16.12 9.52 -0.71
C LEU A 39 16.96 10.60 -0.02
N CYS A 40 16.48 11.84 -0.08
CA CYS A 40 17.18 12.96 0.53
C CYS A 40 17.28 12.78 2.04
N LEU A 41 16.23 12.22 2.63
CA LEU A 41 16.19 11.99 4.07
C LEU A 41 17.27 11.00 4.50
N ALA A 42 17.46 9.96 3.69
CA ALA A 42 18.47 8.95 3.98
C ALA A 42 19.88 9.48 3.71
N TRP A 43 20.00 10.34 2.70
CA TRP A 43 21.29 10.92 2.34
C TRP A 43 21.74 11.93 3.38
N LEU A 44 20.78 12.56 4.04
CA LEU A 44 21.08 13.56 5.06
C LEU A 44 22.11 13.03 6.06
N PRO A 45 22.85 13.94 6.69
CA PRO A 45 23.87 13.59 7.68
C PRO A 45 23.28 13.04 8.97
N TRP A 46 22.18 13.64 9.41
CA TRP A 46 21.51 13.21 10.63
C TRP A 46 20.00 13.39 10.52
N ARG A 47 19.35 12.41 9.89
CA ARG A 47 17.90 12.47 9.72
C ARG A 47 17.17 11.87 10.92
N GLY A 48 15.86 11.71 10.80
CA GLY A 48 15.08 11.15 11.89
C GLY A 48 15.08 9.63 11.88
N ARG A 49 14.06 9.05 11.27
CA ARG A 49 13.94 7.60 11.20
C ARG A 49 14.90 7.02 10.16
N GLN A 50 16.19 7.10 10.45
CA GLN A 50 17.21 6.58 9.55
C GLN A 50 17.06 7.19 8.16
N MET A 1 -5.54 -9.34 26.86
CA MET A 1 -4.18 -9.40 26.32
C MET A 1 -4.18 -9.05 24.83
N GLU A 2 -3.04 -8.57 24.35
CA GLU A 2 -2.89 -8.20 22.96
C GLU A 2 -3.99 -7.21 22.55
N ALA A 3 -3.95 -6.02 23.15
CA ALA A 3 -4.94 -4.99 22.85
C ALA A 3 -4.36 -3.94 21.91
N LEU A 4 -3.06 -3.70 22.02
CA LEU A 4 -2.38 -2.72 21.18
C LEU A 4 -1.18 -3.34 20.48
N SER A 5 -1.24 -4.65 20.25
CA SER A 5 -0.16 -5.36 19.59
C SER A 5 -0.13 -5.03 18.10
N TRP A 6 0.79 -5.68 17.38
CA TRP A 6 0.93 -5.45 15.95
C TRP A 6 -0.34 -5.86 15.21
N ASP A 7 -1.04 -6.86 15.75
CA ASP A 7 -2.27 -7.33 15.14
C ASP A 7 -3.28 -6.20 14.98
N CYS A 8 -3.25 -5.25 15.91
CA CYS A 8 -4.16 -4.11 15.87
C CYS A 8 -3.61 -3.00 14.99
N PHE A 9 -2.31 -3.06 14.72
CA PHE A 9 -1.65 -2.06 13.90
C PHE A 9 -1.79 -2.39 12.41
N ALA A 10 -1.79 -3.67 12.10
CA ALA A 10 -1.92 -4.13 10.72
C ALA A 10 -3.14 -3.49 10.05
N LEU A 11 -4.31 -3.74 10.61
CA LEU A 11 -5.56 -3.20 10.08
C LEU A 11 -5.44 -1.69 9.89
N SER A 12 -4.74 -1.03 10.80
CA SER A 12 -4.57 0.41 10.73
C SER A 12 -3.63 0.80 9.59
N LEU A 13 -2.60 -0.02 9.37
CA LEU A 13 -1.64 0.22 8.32
C LEU A 13 -2.30 0.15 6.94
N LEU A 14 -3.23 -0.77 6.79
CA LEU A 14 -3.95 -0.95 5.53
C LEU A 14 -4.64 0.36 5.12
N ALA A 15 -5.43 0.91 6.02
CA ALA A 15 -6.14 2.15 5.75
C ALA A 15 -5.20 3.23 5.21
N VAL A 16 -3.96 3.23 5.71
CA VAL A 16 -2.96 4.19 5.27
C VAL A 16 -2.36 3.79 3.93
N ALA A 17 -2.02 2.52 3.80
CA ALA A 17 -1.43 2.00 2.57
C ALA A 17 -2.28 2.38 1.35
N LEU A 18 -3.58 2.17 1.46
CA LEU A 18 -4.51 2.48 0.38
C LEU A 18 -4.78 3.99 0.31
N GLY A 19 -4.87 4.61 1.49
CA GLY A 19 -5.12 6.04 1.55
C GLY A 19 -4.04 6.85 0.86
N LEU A 20 -2.80 6.47 1.08
CA LEU A 20 -1.67 7.17 0.47
C LEU A 20 -1.29 6.55 -0.87
N GLY A 21 -1.48 5.23 -0.97
CA GLY A 21 -1.15 4.55 -2.22
C GLY A 21 -2.11 4.89 -3.35
N VAL A 22 -3.39 5.02 -3.01
CA VAL A 22 -4.40 5.35 -4.00
C VAL A 22 -3.99 6.58 -4.82
N PRO A 23 -3.76 7.70 -4.12
CA PRO A 23 -3.35 8.95 -4.75
C PRO A 23 -1.93 8.89 -5.32
N MET A 24 -1.08 8.11 -4.68
CA MET A 24 0.30 7.95 -5.11
C MET A 24 0.37 7.22 -6.44
N LEU A 25 -0.56 6.29 -6.65
CA LEU A 25 -0.60 5.50 -7.89
C LEU A 25 -0.55 6.42 -9.11
N HIS A 26 -1.18 7.58 -9.00
CA HIS A 26 -1.20 8.55 -10.09
C HIS A 26 0.21 9.03 -10.43
N HIS A 27 1.02 9.21 -9.39
CA HIS A 27 2.40 9.67 -9.56
C HIS A 27 3.33 8.50 -9.88
N LEU A 28 2.95 7.31 -9.42
CA LEU A 28 3.75 6.11 -9.65
C LEU A 28 3.80 5.77 -11.14
N CYS A 29 2.70 6.04 -11.83
CA CYS A 29 2.61 5.77 -13.26
C CYS A 29 2.97 4.31 -13.55
N GLY A 30 2.49 3.41 -12.70
CA GLY A 30 2.77 2.00 -12.89
C GLY A 30 4.25 1.71 -13.05
N TRP A 31 5.08 2.53 -12.41
CA TRP A 31 6.53 2.37 -12.49
C TRP A 31 7.16 2.50 -11.12
N ASP A 32 8.12 1.63 -10.82
CA ASP A 32 8.82 1.64 -9.53
C ASP A 32 9.62 2.93 -9.38
N LEU A 33 9.07 3.88 -8.64
CA LEU A 33 9.76 5.15 -8.41
C LEU A 33 10.84 5.02 -7.36
N TRP A 34 10.58 4.18 -6.36
CA TRP A 34 11.53 3.95 -5.28
C TRP A 34 12.88 3.49 -5.83
N TYR A 35 12.83 2.61 -6.83
CA TYR A 35 14.04 2.09 -7.45
C TYR A 35 14.89 3.21 -8.02
N CYS A 36 14.23 4.21 -8.60
CA CYS A 36 14.92 5.34 -9.19
C CYS A 36 15.85 6.00 -8.17
N PHE A 37 15.38 6.14 -6.94
CA PHE A 37 16.17 6.75 -5.88
C PHE A 37 17.10 5.72 -5.24
N HIS A 38 16.60 4.51 -5.07
CA HIS A 38 17.39 3.44 -4.47
C HIS A 38 18.72 3.26 -5.20
N LEU A 39 18.69 3.44 -6.51
CA LEU A 39 19.89 3.30 -7.32
C LEU A 39 20.96 4.30 -6.90
N CYS A 40 20.65 5.59 -7.04
CA CYS A 40 21.58 6.65 -6.68
C CYS A 40 21.93 6.58 -5.19
N LEU A 41 20.93 6.21 -4.38
CA LEU A 41 21.12 6.10 -2.93
C LEU A 41 22.12 5.00 -2.59
N ALA A 42 21.98 3.85 -3.26
CA ALA A 42 22.88 2.73 -3.03
C ALA A 42 24.31 3.07 -3.43
N TRP A 43 24.44 3.84 -4.50
CA TRP A 43 25.75 4.24 -5.00
C TRP A 43 26.43 5.20 -4.03
N LEU A 44 25.63 6.06 -3.40
CA LEU A 44 26.16 7.03 -2.44
C LEU A 44 26.44 6.38 -1.09
N PRO A 45 27.36 6.97 -0.33
CA PRO A 45 27.75 6.46 1.00
C PRO A 45 26.64 6.64 2.02
N TRP A 46 26.02 7.81 2.03
CA TRP A 46 24.94 8.11 2.96
C TRP A 46 25.35 7.77 4.39
N ARG A 47 26.58 8.13 4.75
CA ARG A 47 27.10 7.86 6.09
C ARG A 47 27.48 9.16 6.80
N GLY A 48 26.66 10.19 6.60
CA GLY A 48 26.93 11.47 7.22
C GLY A 48 25.68 12.31 7.41
N ARG A 49 25.21 12.40 8.65
CA ARG A 49 24.01 13.16 8.96
C ARG A 49 24.13 14.60 8.46
N GLN A 50 23.05 15.36 8.57
CA GLN A 50 23.04 16.75 8.13
C GLN A 50 22.23 17.62 9.09
N MET A 1 -0.91 -4.49 29.81
CA MET A 1 -1.45 -3.41 29.00
C MET A 1 -1.51 -3.81 27.53
N GLU A 2 -2.38 -3.14 26.78
CA GLU A 2 -2.55 -3.43 25.35
C GLU A 2 -2.72 -2.15 24.56
N ALA A 3 -1.65 -1.38 24.44
CA ALA A 3 -1.69 -0.12 23.70
C ALA A 3 -1.29 -0.34 22.24
N LEU A 4 -0.39 -1.28 22.02
CA LEU A 4 0.08 -1.59 20.66
C LEU A 4 -0.27 -3.02 20.27
N SER A 5 -1.50 -3.19 19.78
CA SER A 5 -1.96 -4.52 19.36
C SER A 5 -1.65 -4.77 17.89
N TRP A 6 -1.30 -6.01 17.58
CA TRP A 6 -0.98 -6.39 16.21
C TRP A 6 -2.21 -6.32 15.31
N ASP A 7 -3.32 -6.83 15.81
CA ASP A 7 -4.57 -6.83 15.06
C ASP A 7 -4.90 -5.43 14.54
N CYS A 8 -4.59 -4.43 15.36
CA CYS A 8 -4.84 -3.04 14.99
C CYS A 8 -3.69 -2.46 14.19
N PHE A 9 -2.50 -3.03 14.39
CA PHE A 9 -1.31 -2.57 13.68
C PHE A 9 -1.45 -2.77 12.18
N ALA A 10 -1.87 -3.97 11.79
CA ALA A 10 -2.05 -4.30 10.38
C ALA A 10 -3.28 -3.60 9.80
N LEU A 11 -4.40 -3.72 10.50
CA LEU A 11 -5.65 -3.10 10.07
C LEU A 11 -5.46 -1.60 9.85
N SER A 12 -4.77 -0.95 10.78
CA SER A 12 -4.52 0.49 10.68
C SER A 12 -3.53 0.79 9.57
N LEU A 13 -2.55 -0.08 9.40
CA LEU A 13 -1.53 0.10 8.38
C LEU A 13 -2.16 0.09 6.98
N LEU A 14 -3.13 -0.79 6.77
CA LEU A 14 -3.82 -0.89 5.49
C LEU A 14 -4.53 0.41 5.15
N ALA A 15 -5.07 1.06 6.18
CA ALA A 15 -5.77 2.33 5.99
C ALA A 15 -4.85 3.40 5.42
N VAL A 16 -3.61 3.43 5.91
CA VAL A 16 -2.63 4.40 5.45
C VAL A 16 -2.01 3.97 4.12
N ALA A 17 -1.65 2.69 4.03
CA ALA A 17 -1.05 2.15 2.81
C ALA A 17 -1.93 2.41 1.60
N LEU A 18 -3.20 2.03 1.71
CA LEU A 18 -4.15 2.22 0.62
C LEU A 18 -4.58 3.68 0.52
N GLY A 19 -4.72 4.34 1.66
CA GLY A 19 -5.12 5.73 1.68
C GLY A 19 -4.11 6.63 0.98
N LEU A 20 -2.83 6.33 1.15
CA LEU A 20 -1.77 7.11 0.54
C LEU A 20 -1.38 6.53 -0.82
N GLY A 21 -1.44 5.22 -0.94
CA GLY A 21 -1.10 4.56 -2.18
C GLY A 21 -2.12 4.82 -3.28
N VAL A 22 -3.39 4.82 -2.90
CA VAL A 22 -4.47 5.05 -3.85
C VAL A 22 -4.22 6.31 -4.67
N PRO A 23 -4.06 7.45 -3.98
CA PRO A 23 -3.81 8.74 -4.63
C PRO A 23 -2.42 8.81 -5.25
N MET A 24 -1.47 8.12 -4.63
CA MET A 24 -0.09 8.11 -5.12
C MET A 24 -0.01 7.50 -6.51
N LEU A 25 -0.84 6.49 -6.75
CA LEU A 25 -0.87 5.82 -8.05
C LEU A 25 -1.15 6.81 -9.18
N HIS A 26 -1.96 7.82 -8.88
CA HIS A 26 -2.30 8.83 -9.87
C HIS A 26 -1.04 9.40 -10.53
N HIS A 27 0.03 9.52 -9.74
CA HIS A 27 1.29 10.05 -10.24
C HIS A 27 1.72 9.30 -11.50
N LEU A 28 1.35 8.04 -11.60
CA LEU A 28 1.69 7.22 -12.76
C LEU A 28 0.77 7.53 -13.93
N CYS A 29 -0.53 7.43 -13.71
CA CYS A 29 -1.51 7.70 -14.76
C CYS A 29 -1.24 6.86 -15.99
N GLY A 30 -0.64 5.69 -15.78
CA GLY A 30 -0.33 4.80 -16.88
C GLY A 30 1.05 5.03 -17.46
N TRP A 31 1.49 6.28 -17.43
CA TRP A 31 2.80 6.65 -17.95
C TRP A 31 3.91 6.21 -16.99
N ASP A 32 5.15 6.51 -17.35
CA ASP A 32 6.29 6.15 -16.53
C ASP A 32 6.24 4.68 -16.14
N LEU A 33 6.16 3.80 -17.12
CA LEU A 33 6.10 2.36 -16.88
C LEU A 33 7.48 1.81 -16.57
N TRP A 34 8.50 2.36 -17.22
CA TRP A 34 9.87 1.92 -16.99
C TRP A 34 10.23 1.97 -15.51
N TYR A 35 9.63 2.91 -14.79
CA TYR A 35 9.88 3.05 -13.36
C TYR A 35 9.47 1.80 -12.60
N CYS A 36 8.40 1.16 -13.06
CA CYS A 36 7.89 -0.04 -12.43
C CYS A 36 8.97 -1.13 -12.37
N PHE A 37 9.68 -1.30 -13.48
CA PHE A 37 10.75 -2.29 -13.56
C PHE A 37 12.05 -1.75 -12.98
N HIS A 38 12.34 -0.48 -13.27
CA HIS A 38 13.55 0.16 -12.77
C HIS A 38 13.68 -0.02 -11.27
N LEU A 39 12.55 -0.01 -10.57
CA LEU A 39 12.55 -0.16 -9.12
C LEU A 39 13.14 -1.50 -8.71
N CYS A 40 12.51 -2.58 -9.15
CA CYS A 40 12.97 -3.93 -8.84
C CYS A 40 14.38 -4.16 -9.37
N LEU A 41 14.67 -3.59 -10.54
CA LEU A 41 15.99 -3.72 -11.16
C LEU A 41 17.05 -3.07 -10.30
N ALA A 42 16.78 -1.84 -9.85
CA ALA A 42 17.73 -1.11 -9.02
C ALA A 42 17.99 -1.84 -7.71
N TRP A 43 16.97 -2.51 -7.18
CA TRP A 43 17.09 -3.24 -5.93
C TRP A 43 18.00 -4.46 -6.10
N LEU A 44 17.95 -5.07 -7.29
CA LEU A 44 18.77 -6.25 -7.58
C LEU A 44 20.20 -5.83 -7.87
N PRO A 45 21.14 -6.77 -7.64
CA PRO A 45 22.57 -6.52 -7.89
C PRO A 45 22.90 -6.42 -9.37
N TRP A 46 22.33 -7.33 -10.16
CA TRP A 46 22.57 -7.34 -11.60
C TRP A 46 24.05 -7.27 -11.92
N ARG A 47 24.85 -8.02 -11.16
CA ARG A 47 26.30 -8.04 -11.35
C ARG A 47 26.70 -9.20 -12.26
N GLY A 48 25.90 -9.45 -13.29
CA GLY A 48 26.19 -10.52 -14.22
C GLY A 48 27.54 -10.36 -14.90
N ARG A 49 27.93 -9.11 -15.14
CA ARG A 49 29.20 -8.82 -15.78
C ARG A 49 29.52 -7.33 -15.71
N GLN A 50 30.81 -7.01 -15.81
CA GLN A 50 31.25 -5.62 -15.74
C GLN A 50 32.56 -5.43 -16.49
N MET A 1 -0.68 -7.50 24.06
CA MET A 1 -0.89 -6.96 22.73
C MET A 1 -1.95 -5.86 22.75
N GLU A 2 -1.71 -4.81 23.53
CA GLU A 2 -2.63 -3.71 23.63
C GLU A 2 -2.21 -2.54 22.74
N ALA A 3 -1.02 -2.01 22.99
CA ALA A 3 -0.50 -0.90 22.21
C ALA A 3 0.05 -1.38 20.87
N LEU A 4 0.60 -2.60 20.87
CA LEU A 4 1.17 -3.17 19.65
C LEU A 4 0.27 -4.28 19.11
N SER A 5 -1.04 -4.13 19.32
CA SER A 5 -1.99 -5.13 18.85
C SER A 5 -1.85 -5.37 17.35
N TRP A 6 -1.83 -6.64 16.97
CA TRP A 6 -1.69 -7.01 15.56
C TRP A 6 -2.95 -6.65 14.77
N ASP A 7 -4.11 -6.90 15.38
CA ASP A 7 -5.38 -6.60 14.73
C ASP A 7 -5.41 -5.16 14.24
N CYS A 8 -4.92 -4.24 15.06
CA CYS A 8 -4.90 -2.83 14.70
C CYS A 8 -3.62 -2.48 13.95
N PHE A 9 -2.59 -3.29 14.13
CA PHE A 9 -1.31 -3.07 13.47
C PHE A 9 -1.47 -3.09 11.95
N ALA A 10 -2.12 -4.14 11.45
CA ALA A 10 -2.34 -4.29 10.02
C ALA A 10 -3.53 -3.46 9.56
N LEU A 11 -4.57 -3.42 10.38
CA LEU A 11 -5.77 -2.65 10.06
C LEU A 11 -5.45 -1.18 9.85
N SER A 12 -4.73 -0.60 10.81
CA SER A 12 -4.35 0.81 10.73
C SER A 12 -3.31 1.03 9.63
N LEU A 13 -2.41 0.07 9.47
CA LEU A 13 -1.37 0.16 8.45
C LEU A 13 -1.98 0.15 7.04
N LEU A 14 -2.91 -0.77 6.82
CA LEU A 14 -3.57 -0.88 5.52
C LEU A 14 -4.34 0.39 5.19
N ALA A 15 -4.90 1.02 6.21
CA ALA A 15 -5.66 2.26 6.02
C ALA A 15 -4.77 3.37 5.48
N VAL A 16 -3.54 3.42 5.97
CA VAL A 16 -2.58 4.44 5.55
C VAL A 16 -1.91 4.04 4.24
N ALA A 17 -1.55 2.77 4.13
CA ALA A 17 -0.90 2.25 2.93
C ALA A 17 -1.78 2.43 1.71
N LEU A 18 -3.03 2.00 1.81
CA LEU A 18 -3.98 2.11 0.71
C LEU A 18 -4.50 3.53 0.59
N GLY A 19 -4.71 4.18 1.73
CA GLY A 19 -5.21 5.55 1.72
C GLY A 19 -4.27 6.50 1.01
N LEU A 20 -2.97 6.30 1.21
CA LEU A 20 -1.96 7.15 0.58
C LEU A 20 -1.51 6.57 -0.75
N GLY A 21 -1.45 5.24 -0.82
CA GLY A 21 -1.04 4.58 -2.04
C GLY A 21 -2.06 4.72 -3.16
N VAL A 22 -3.33 4.72 -2.79
CA VAL A 22 -4.41 4.85 -3.76
C VAL A 22 -4.23 6.10 -4.62
N PRO A 23 -4.18 7.26 -3.96
CA PRO A 23 -4.01 8.54 -4.65
C PRO A 23 -2.61 8.71 -5.25
N MET A 24 -1.64 8.10 -4.60
CA MET A 24 -0.25 8.16 -5.07
C MET A 24 -0.09 7.40 -6.38
N LEU A 25 -0.67 6.22 -6.45
CA LEU A 25 -0.59 5.39 -7.64
C LEU A 25 -1.62 5.80 -8.67
N HIS A 26 -2.76 6.29 -8.19
CA HIS A 26 -3.84 6.73 -9.07
C HIS A 26 -3.31 7.67 -10.15
N HIS A 27 -2.63 8.73 -9.72
CA HIS A 27 -2.07 9.70 -10.65
C HIS A 27 -1.21 9.01 -11.70
N LEU A 28 -0.64 7.87 -11.35
CA LEU A 28 0.21 7.12 -12.25
C LEU A 28 -0.62 6.21 -13.16
N CYS A 29 -1.71 5.66 -12.60
CA CYS A 29 -2.59 4.78 -13.35
C CYS A 29 -3.72 4.28 -12.47
N GLY A 30 -4.76 5.10 -12.33
CA GLY A 30 -5.90 4.72 -11.52
C GLY A 30 -6.40 3.33 -11.84
N TRP A 31 -6.27 2.92 -13.10
CA TRP A 31 -6.72 1.60 -13.53
C TRP A 31 -5.82 1.07 -14.65
N ASP A 32 -5.39 -0.18 -14.50
CA ASP A 32 -4.54 -0.81 -15.50
C ASP A 32 -4.58 -2.33 -15.37
N LEU A 33 -3.99 -3.02 -16.34
CA LEU A 33 -3.96 -4.48 -16.34
C LEU A 33 -2.91 -5.00 -15.37
N TRP A 34 -1.74 -4.37 -15.36
CA TRP A 34 -0.66 -4.77 -14.48
C TRP A 34 -1.08 -4.70 -13.02
N TYR A 35 -1.94 -3.73 -12.70
CA TYR A 35 -2.42 -3.56 -11.34
C TYR A 35 -3.26 -4.76 -10.90
N CYS A 36 -4.14 -5.21 -11.79
CA CYS A 36 -5.01 -6.36 -11.49
C CYS A 36 -4.18 -7.55 -11.01
N PHE A 37 -3.03 -7.75 -11.63
CA PHE A 37 -2.15 -8.86 -11.27
C PHE A 37 -1.24 -8.48 -10.11
N HIS A 38 -0.82 -7.22 -10.08
CA HIS A 38 0.04 -6.73 -9.01
C HIS A 38 -0.60 -6.95 -7.64
N LEU A 39 -1.92 -6.80 -7.58
CA LEU A 39 -2.66 -6.98 -6.34
C LEU A 39 -2.43 -8.38 -5.77
N CYS A 40 -2.88 -9.39 -6.52
CA CYS A 40 -2.73 -10.78 -6.10
C CYS A 40 -1.26 -11.16 -5.98
N LEU A 41 -0.46 -10.66 -6.92
CA LEU A 41 0.97 -10.95 -6.93
C LEU A 41 1.65 -10.41 -5.68
N ALA A 42 1.18 -9.26 -5.20
CA ALA A 42 1.73 -8.64 -4.01
C ALA A 42 1.34 -9.43 -2.76
N TRP A 43 0.11 -9.92 -2.73
CA TRP A 43 -0.38 -10.68 -1.59
C TRP A 43 0.34 -12.02 -1.47
N LEU A 44 0.76 -12.55 -2.61
CA LEU A 44 1.48 -13.82 -2.65
C LEU A 44 2.64 -13.83 -1.65
N PRO A 45 3.03 -15.04 -1.21
CA PRO A 45 4.14 -15.20 -0.26
C PRO A 45 5.49 -14.88 -0.88
N TRP A 46 5.67 -15.27 -2.15
CA TRP A 46 6.91 -15.03 -2.86
C TRP A 46 7.34 -13.58 -2.73
N ARG A 47 6.38 -12.67 -2.93
CA ARG A 47 6.66 -11.23 -2.85
C ARG A 47 5.47 -10.49 -2.25
N GLY A 48 5.76 -9.50 -1.41
CA GLY A 48 4.70 -8.73 -0.79
C GLY A 48 5.24 -7.58 0.05
N ARG A 49 4.78 -6.37 -0.25
CA ARG A 49 5.22 -5.19 0.48
C ARG A 49 4.03 -4.35 0.94
N GLN A 50 3.87 -4.23 2.24
CA GLN A 50 2.77 -3.46 2.81
C GLN A 50 3.29 -2.26 3.61
N MET A 1 -9.84 -6.74 22.92
CA MET A 1 -10.96 -6.31 22.08
C MET A 1 -10.49 -6.04 20.66
N GLU A 2 -11.40 -6.17 19.70
CA GLU A 2 -11.09 -5.95 18.30
C GLU A 2 -10.42 -4.58 18.11
N ALA A 3 -10.83 -3.61 18.92
CA ALA A 3 -10.27 -2.27 18.84
C ALA A 3 -8.77 -2.28 19.09
N LEU A 4 -8.32 -3.21 19.94
CA LEU A 4 -6.91 -3.33 20.27
C LEU A 4 -6.37 -4.71 19.89
N SER A 5 -7.04 -5.35 18.94
CA SER A 5 -6.64 -6.69 18.49
C SER A 5 -5.67 -6.60 17.32
N TRP A 6 -5.28 -7.75 16.80
CA TRP A 6 -4.35 -7.80 15.67
C TRP A 6 -5.00 -7.23 14.42
N ASP A 7 -6.32 -7.38 14.31
CA ASP A 7 -7.06 -6.86 13.15
C ASP A 7 -6.91 -5.36 13.04
N CYS A 8 -6.86 -4.68 14.18
CA CYS A 8 -6.71 -3.23 14.21
C CYS A 8 -5.24 -2.82 14.14
N PHE A 9 -4.36 -3.75 14.50
CA PHE A 9 -2.93 -3.48 14.47
C PHE A 9 -2.42 -3.36 13.04
N ALA A 10 -2.73 -4.36 12.22
CA ALA A 10 -2.31 -4.36 10.82
C ALA A 10 -3.09 -3.33 10.01
N LEU A 11 -4.37 -3.18 10.31
CA LEU A 11 -5.22 -2.23 9.61
C LEU A 11 -4.59 -0.84 9.60
N SER A 12 -3.96 -0.48 10.72
CA SER A 12 -3.31 0.83 10.84
C SER A 12 -2.31 1.04 9.71
N LEU A 13 -1.60 -0.01 9.35
CA LEU A 13 -0.61 0.07 8.28
C LEU A 13 -1.28 0.13 6.91
N LEU A 14 -2.24 -0.75 6.69
CA LEU A 14 -2.97 -0.79 5.44
C LEU A 14 -3.67 0.53 5.16
N ALA A 15 -4.22 1.13 6.22
CA ALA A 15 -4.91 2.41 6.09
C ALA A 15 -3.99 3.48 5.50
N VAL A 16 -2.72 3.43 5.89
CA VAL A 16 -1.74 4.40 5.40
C VAL A 16 -1.26 4.03 4.00
N ALA A 17 -0.75 2.81 3.86
CA ALA A 17 -0.26 2.34 2.57
C ALA A 17 -1.32 2.50 1.49
N LEU A 18 -2.54 2.08 1.79
CA LEU A 18 -3.65 2.18 0.84
C LEU A 18 -4.22 3.59 0.83
N GLY A 19 -4.25 4.23 1.99
CA GLY A 19 -4.78 5.58 2.09
C GLY A 19 -4.07 6.54 1.15
N LEU A 20 -2.75 6.49 1.14
CA LEU A 20 -1.96 7.38 0.29
C LEU A 20 -1.68 6.72 -1.06
N GLY A 21 -1.56 5.40 -1.06
CA GLY A 21 -1.30 4.68 -2.29
C GLY A 21 -2.48 4.69 -3.23
N VAL A 22 -3.68 4.79 -2.68
CA VAL A 22 -4.90 4.82 -3.48
C VAL A 22 -4.92 6.02 -4.41
N PRO A 23 -4.82 7.23 -3.82
CA PRO A 23 -4.82 8.48 -4.58
C PRO A 23 -3.55 8.67 -5.40
N MET A 24 -2.45 8.09 -4.92
CA MET A 24 -1.17 8.19 -5.61
C MET A 24 -1.12 7.23 -6.81
N LEU A 25 -1.26 5.94 -6.54
CA LEU A 25 -1.23 4.94 -7.60
C LEU A 25 -2.29 5.24 -8.66
N HIS A 26 -3.43 5.75 -8.22
CA HIS A 26 -4.52 6.08 -9.14
C HIS A 26 -4.09 7.17 -10.12
N HIS A 27 -3.30 8.12 -9.64
CA HIS A 27 -2.82 9.22 -10.47
C HIS A 27 -1.59 8.80 -11.26
N LEU A 28 -0.80 7.90 -10.69
CA LEU A 28 0.41 7.42 -11.34
C LEU A 28 0.07 6.48 -12.49
N CYS A 29 -0.72 5.45 -12.19
CA CYS A 29 -1.12 4.48 -13.21
C CYS A 29 0.09 3.96 -13.98
N GLY A 30 1.18 3.72 -13.26
CA GLY A 30 2.39 3.23 -13.88
C GLY A 30 2.40 1.72 -14.01
N TRP A 31 1.89 1.04 -12.99
CA TRP A 31 1.85 -0.42 -12.99
C TRP A 31 0.63 -0.92 -12.21
N ASP A 32 0.05 -2.02 -12.68
CA ASP A 32 -1.11 -2.61 -12.03
C ASP A 32 -0.91 -4.09 -11.78
N LEU A 33 0.20 -4.43 -11.12
CA LEU A 33 0.51 -5.83 -10.81
C LEU A 33 -0.31 -6.32 -9.64
N TRP A 34 -0.56 -5.44 -8.68
CA TRP A 34 -1.34 -5.80 -7.49
C TRP A 34 -2.75 -6.24 -7.88
N TYR A 35 -3.31 -5.60 -8.90
CA TYR A 35 -4.64 -5.92 -9.37
C TYR A 35 -4.72 -7.36 -9.86
N CYS A 36 -3.64 -7.83 -10.48
CA CYS A 36 -3.58 -9.19 -11.00
C CYS A 36 -3.83 -10.20 -9.88
N PHE A 37 -3.24 -9.94 -8.72
CA PHE A 37 -3.40 -10.84 -7.58
C PHE A 37 -4.68 -10.53 -6.82
N HIS A 38 -4.99 -9.25 -6.69
CA HIS A 38 -6.20 -8.82 -5.98
C HIS A 38 -7.44 -9.40 -6.63
N LEU A 39 -7.40 -9.54 -7.95
CA LEU A 39 -8.53 -10.08 -8.70
C LEU A 39 -8.80 -11.54 -8.31
N CYS A 40 -7.76 -12.37 -8.42
CA CYS A 40 -7.88 -13.78 -8.08
C CYS A 40 -8.15 -13.96 -6.59
N LEU A 41 -7.55 -13.10 -5.77
CA LEU A 41 -7.73 -13.16 -4.33
C LEU A 41 -9.16 -12.78 -3.93
N ALA A 42 -9.69 -11.75 -4.58
CA ALA A 42 -11.04 -11.28 -4.30
C ALA A 42 -12.08 -12.30 -4.79
N TRP A 43 -11.73 -13.04 -5.82
CA TRP A 43 -12.62 -14.04 -6.38
C TRP A 43 -12.37 -15.41 -5.76
N LEU A 44 -11.73 -15.41 -4.60
CA LEU A 44 -11.42 -16.65 -3.88
C LEU A 44 -12.68 -17.27 -3.30
N PRO A 45 -12.66 -18.59 -3.09
CA PRO A 45 -13.79 -19.33 -2.53
C PRO A 45 -14.01 -19.01 -1.05
N TRP A 46 -12.93 -18.97 -0.29
CA TRP A 46 -13.01 -18.67 1.14
C TRP A 46 -13.82 -17.40 1.38
N ARG A 47 -13.48 -16.34 0.66
CA ARG A 47 -14.16 -15.06 0.79
C ARG A 47 -14.15 -14.28 -0.51
N GLY A 48 -15.04 -13.30 -0.63
CA GLY A 48 -15.11 -12.50 -1.84
C GLY A 48 -16.03 -11.30 -1.68
N ARG A 49 -17.24 -11.42 -2.20
CA ARG A 49 -18.22 -10.34 -2.11
C ARG A 49 -19.46 -10.79 -1.36
N GLN A 50 -19.87 -9.98 -0.38
CA GLN A 50 -21.05 -10.29 0.42
C GLN A 50 -22.26 -9.50 -0.06
N MET A 1 -0.92 4.75 28.43
CA MET A 1 -0.89 3.31 28.16
C MET A 1 -0.54 3.04 26.70
N GLU A 2 0.46 2.17 26.49
CA GLU A 2 0.90 1.84 25.14
C GLU A 2 1.17 0.34 25.02
N ALA A 3 0.18 -0.40 24.53
CA ALA A 3 0.31 -1.84 24.36
C ALA A 3 0.63 -2.20 22.92
N LEU A 4 0.10 -1.40 21.98
CA LEU A 4 0.34 -1.64 20.57
C LEU A 4 -0.08 -3.05 20.17
N SER A 5 -1.30 -3.20 19.70
CA SER A 5 -1.83 -4.50 19.30
C SER A 5 -1.54 -4.76 17.82
N TRP A 6 -1.35 -6.03 17.47
CA TRP A 6 -1.07 -6.41 16.09
C TRP A 6 -2.33 -6.30 15.23
N ASP A 7 -3.44 -6.79 15.76
CA ASP A 7 -4.71 -6.74 15.04
C ASP A 7 -5.00 -5.33 14.55
N CYS A 8 -4.63 -4.34 15.36
CA CYS A 8 -4.85 -2.95 15.00
C CYS A 8 -3.70 -2.39 14.17
N PHE A 9 -2.52 -3.00 14.34
CA PHE A 9 -1.34 -2.58 13.61
C PHE A 9 -1.51 -2.78 12.11
N ALA A 10 -1.95 -3.98 11.73
CA ALA A 10 -2.15 -4.31 10.32
C ALA A 10 -3.36 -3.57 9.76
N LEU A 11 -4.48 -3.67 10.45
CA LEU A 11 -5.71 -3.00 10.02
C LEU A 11 -5.46 -1.51 9.78
N SER A 12 -4.76 -0.88 10.73
CA SER A 12 -4.46 0.54 10.63
C SER A 12 -3.45 0.81 9.52
N LEU A 13 -2.50 -0.11 9.36
CA LEU A 13 -1.48 0.03 8.33
C LEU A 13 -2.10 0.05 6.93
N LEU A 14 -3.09 -0.82 6.72
CA LEU A 14 -3.76 -0.91 5.44
C LEU A 14 -4.49 0.39 5.11
N ALA A 15 -5.02 1.04 6.14
CA ALA A 15 -5.73 2.31 5.97
C ALA A 15 -4.81 3.39 5.43
N VAL A 16 -3.57 3.40 5.92
CA VAL A 16 -2.58 4.38 5.48
C VAL A 16 -1.94 3.97 4.17
N ALA A 17 -1.60 2.69 4.04
CA ALA A 17 -0.98 2.18 2.83
C ALA A 17 -1.88 2.41 1.62
N LEU A 18 -3.14 2.02 1.74
CA LEU A 18 -4.10 2.18 0.65
C LEU A 18 -4.56 3.63 0.56
N GLY A 19 -4.69 4.29 1.70
CA GLY A 19 -5.12 5.67 1.72
C GLY A 19 -4.16 6.60 1.01
N LEU A 20 -2.86 6.35 1.19
CA LEU A 20 -1.83 7.17 0.56
C LEU A 20 -1.42 6.58 -0.79
N GLY A 21 -1.44 5.26 -0.88
CA GLY A 21 -1.07 4.60 -2.13
C GLY A 21 -2.09 4.82 -3.22
N VAL A 22 -3.38 4.78 -2.86
CA VAL A 22 -4.46 4.99 -3.81
C VAL A 22 -4.22 6.24 -4.64
N PRO A 23 -4.11 7.39 -3.96
CA PRO A 23 -3.89 8.68 -4.62
C PRO A 23 -2.50 8.79 -5.22
N MET A 24 -1.53 8.12 -4.60
CA MET A 24 -0.15 8.15 -5.08
C MET A 24 -0.03 7.43 -6.42
N LEU A 25 -0.77 6.34 -6.57
CA LEU A 25 -0.75 5.57 -7.81
C LEU A 25 -1.71 6.16 -8.85
N HIS A 26 -2.86 6.64 -8.38
CA HIS A 26 -3.85 7.23 -9.27
C HIS A 26 -3.22 8.35 -10.10
N HIS A 27 -2.39 9.17 -9.47
CA HIS A 27 -1.74 10.28 -10.15
C HIS A 27 -0.53 9.79 -10.94
N LEU A 28 0.10 8.73 -10.46
CA LEU A 28 1.27 8.15 -11.13
C LEU A 28 0.93 7.74 -12.56
N CYS A 29 -0.11 6.93 -12.70
CA CYS A 29 -0.54 6.45 -14.01
C CYS A 29 0.64 5.87 -14.78
N GLY A 30 1.35 4.95 -14.16
CA GLY A 30 2.49 4.33 -14.81
C GLY A 30 3.04 3.15 -14.02
N TRP A 31 2.29 2.06 -14.00
CA TRP A 31 2.71 0.86 -13.27
C TRP A 31 4.08 0.40 -13.73
N ASP A 32 4.58 -0.67 -13.12
CA ASP A 32 5.88 -1.22 -13.46
C ASP A 32 5.99 -2.69 -13.06
N LEU A 33 6.92 -3.40 -13.68
CA LEU A 33 7.12 -4.81 -13.39
C LEU A 33 7.28 -5.04 -11.89
N TRP A 34 8.01 -4.15 -11.24
CA TRP A 34 8.23 -4.26 -9.80
C TRP A 34 6.91 -4.49 -9.06
N TYR A 35 5.87 -3.76 -9.48
CA TYR A 35 4.56 -3.89 -8.85
C TYR A 35 4.00 -5.29 -9.03
N CYS A 36 4.18 -5.85 -10.23
CA CYS A 36 3.69 -7.19 -10.53
C CYS A 36 4.25 -8.21 -9.54
N PHE A 37 5.57 -8.29 -9.46
CA PHE A 37 6.23 -9.23 -8.55
C PHE A 37 5.72 -9.05 -7.13
N HIS A 38 5.65 -7.81 -6.68
CA HIS A 38 5.18 -7.51 -5.33
C HIS A 38 3.75 -7.99 -5.14
N LEU A 39 2.88 -7.66 -6.09
CA LEU A 39 1.48 -8.06 -6.02
C LEU A 39 1.35 -9.58 -5.98
N CYS A 40 2.23 -10.26 -6.71
CA CYS A 40 2.21 -11.72 -6.75
C CYS A 40 2.49 -12.31 -5.38
N LEU A 41 3.63 -11.96 -4.81
CA LEU A 41 4.02 -12.46 -3.50
C LEU A 41 3.04 -11.97 -2.42
N ALA A 42 2.71 -10.68 -2.47
CA ALA A 42 1.78 -10.10 -1.51
C ALA A 42 0.44 -10.83 -1.53
N TRP A 43 0.08 -11.39 -2.67
CA TRP A 43 -1.17 -12.12 -2.81
C TRP A 43 -1.15 -13.40 -1.99
N LEU A 44 0.05 -13.92 -1.76
CA LEU A 44 0.21 -15.15 -0.98
C LEU A 44 0.24 -14.86 0.52
N PRO A 45 -0.31 -15.77 1.31
CA PRO A 45 -0.36 -15.63 2.77
C PRO A 45 1.02 -15.77 3.41
N TRP A 46 1.78 -16.76 2.97
CA TRP A 46 3.12 -16.99 3.49
C TRP A 46 3.93 -15.70 3.52
N ARG A 47 4.40 -15.27 2.36
CA ARG A 47 5.19 -14.05 2.25
C ARG A 47 4.33 -12.89 1.75
N GLY A 48 4.51 -11.72 2.35
CA GLY A 48 3.75 -10.55 1.96
C GLY A 48 2.47 -10.40 2.76
N ARG A 49 2.50 -10.83 4.02
CA ARG A 49 1.33 -10.75 4.88
C ARG A 49 1.38 -9.49 5.74
N GLN A 50 0.46 -8.56 5.47
CA GLN A 50 0.41 -7.30 6.22
C GLN A 50 -0.51 -7.44 7.43
N MET A 1 -4.70 -5.42 28.83
CA MET A 1 -3.80 -4.48 28.18
C MET A 1 -3.80 -4.69 26.67
N GLU A 2 -4.97 -4.94 26.11
CA GLU A 2 -5.11 -5.16 24.68
C GLU A 2 -6.22 -4.30 24.09
N ALA A 3 -5.85 -3.12 23.61
CA ALA A 3 -6.83 -2.19 23.03
C ALA A 3 -6.84 -2.31 21.51
N LEU A 4 -5.68 -2.62 20.93
CA LEU A 4 -5.56 -2.76 19.48
C LEU A 4 -4.96 -4.10 19.11
N SER A 5 -5.80 -5.12 19.03
CA SER A 5 -5.35 -6.47 18.68
C SER A 5 -4.65 -6.48 17.33
N TRP A 6 -4.23 -7.66 16.89
CA TRP A 6 -3.54 -7.80 15.62
C TRP A 6 -4.39 -7.26 14.48
N ASP A 7 -5.69 -7.51 14.54
CA ASP A 7 -6.61 -7.05 13.51
C ASP A 7 -6.51 -5.55 13.32
N CYS A 8 -6.35 -4.82 14.43
CA CYS A 8 -6.23 -3.37 14.38
C CYS A 8 -4.79 -2.95 14.19
N PHE A 9 -3.86 -3.87 14.46
CA PHE A 9 -2.44 -3.58 14.32
C PHE A 9 -2.05 -3.41 12.86
N ALA A 10 -2.43 -4.38 12.04
CA ALA A 10 -2.13 -4.34 10.61
C ALA A 10 -3.04 -3.34 9.90
N LEU A 11 -4.29 -3.28 10.32
CA LEU A 11 -5.26 -2.36 9.71
C LEU A 11 -4.70 -0.94 9.64
N SER A 12 -4.09 -0.50 10.74
CA SER A 12 -3.51 0.84 10.81
C SER A 12 -2.58 1.09 9.62
N LEU A 13 -1.76 0.09 9.30
CA LEU A 13 -0.82 0.19 8.19
C LEU A 13 -1.55 0.21 6.86
N LEU A 14 -2.52 -0.68 6.70
CA LEU A 14 -3.31 -0.76 5.48
C LEU A 14 -4.05 0.56 5.21
N ALA A 15 -4.49 1.20 6.28
CA ALA A 15 -5.20 2.46 6.16
C ALA A 15 -4.31 3.54 5.55
N VAL A 16 -3.05 3.59 5.99
CA VAL A 16 -2.11 4.58 5.48
C VAL A 16 -1.58 4.17 4.11
N ALA A 17 -1.09 2.95 4.01
CA ALA A 17 -0.55 2.44 2.75
C ALA A 17 -1.57 2.58 1.62
N LEU A 18 -2.79 2.14 1.88
CA LEU A 18 -3.86 2.23 0.88
C LEU A 18 -4.39 3.64 0.78
N GLY A 19 -4.48 4.33 1.92
CA GLY A 19 -4.97 5.69 1.93
C GLY A 19 -4.17 6.61 1.04
N LEU A 20 -2.85 6.52 1.13
CA LEU A 20 -1.97 7.35 0.33
C LEU A 20 -1.63 6.67 -0.99
N GLY A 21 -1.56 5.34 -0.97
CA GLY A 21 -1.25 4.59 -2.18
C GLY A 21 -2.37 4.66 -3.20
N VAL A 22 -3.60 4.75 -2.72
CA VAL A 22 -4.77 4.82 -3.61
C VAL A 22 -4.66 6.01 -4.55
N PRO A 23 -4.55 7.21 -3.97
CA PRO A 23 -4.44 8.46 -4.74
C PRO A 23 -3.10 8.57 -5.48
N MET A 24 -2.08 7.94 -4.92
CA MET A 24 -0.75 7.97 -5.52
C MET A 24 -0.69 7.10 -6.77
N LEU A 25 -1.08 5.83 -6.61
CA LEU A 25 -1.07 4.89 -7.74
C LEU A 25 -2.13 5.26 -8.76
N HIS A 26 -3.22 5.88 -8.29
CA HIS A 26 -4.30 6.29 -9.18
C HIS A 26 -3.76 7.08 -10.37
N HIS A 27 -2.66 7.80 -10.15
CA HIS A 27 -2.05 8.59 -11.21
C HIS A 27 -1.89 7.78 -12.48
N LEU A 28 -1.67 6.47 -12.32
CA LEU A 28 -1.49 5.58 -13.47
C LEU A 28 -2.84 5.08 -13.97
N CYS A 29 -3.62 4.47 -13.07
CA CYS A 29 -4.93 3.95 -13.43
C CYS A 29 -4.83 3.01 -14.63
N GLY A 30 -3.92 2.04 -14.53
CA GLY A 30 -3.75 1.08 -15.61
C GLY A 30 -3.25 -0.26 -15.12
N TRP A 31 -2.31 -0.24 -14.19
CA TRP A 31 -1.75 -1.46 -13.63
C TRP A 31 -2.34 -1.76 -12.26
N ASP A 32 -2.65 -3.03 -12.01
CA ASP A 32 -3.22 -3.45 -10.74
C ASP A 32 -2.86 -4.89 -10.43
N LEU A 33 -1.97 -5.08 -9.46
CA LEU A 33 -1.53 -6.42 -9.06
C LEU A 33 -2.58 -7.09 -8.18
N TRP A 34 -3.22 -6.30 -7.32
CA TRP A 34 -4.23 -6.82 -6.42
C TRP A 34 -5.33 -7.54 -7.21
N TYR A 35 -5.63 -7.04 -8.39
CA TYR A 35 -6.66 -7.64 -9.24
C TYR A 35 -6.23 -9.01 -9.74
N CYS A 36 -4.94 -9.15 -10.03
CA CYS A 36 -4.39 -10.41 -10.51
C CYS A 36 -4.60 -11.52 -9.49
N PHE A 37 -4.26 -11.23 -8.23
CA PHE A 37 -4.40 -12.21 -7.16
C PHE A 37 -5.86 -12.34 -6.74
N HIS A 38 -6.55 -11.22 -6.67
CA HIS A 38 -7.96 -11.20 -6.28
C HIS A 38 -8.79 -12.09 -7.20
N LEU A 39 -8.41 -12.12 -8.48
CA LEU A 39 -9.12 -12.91 -9.47
C LEU A 39 -9.07 -14.40 -9.11
N CYS A 40 -7.86 -14.96 -9.08
CA CYS A 40 -7.68 -16.37 -8.75
C CYS A 40 -8.14 -16.65 -7.32
N LEU A 41 -7.93 -15.69 -6.43
CA LEU A 41 -8.32 -15.84 -5.03
C LEU A 41 -9.84 -15.92 -4.91
N ALA A 42 -10.53 -15.11 -5.69
CA ALA A 42 -11.99 -15.10 -5.67
C ALA A 42 -12.57 -16.35 -6.32
N TRP A 43 -11.90 -16.83 -7.36
CA TRP A 43 -12.35 -18.02 -8.07
C TRP A 43 -12.20 -19.26 -7.20
N LEU A 44 -11.14 -19.28 -6.39
CA LEU A 44 -10.89 -20.41 -5.50
C LEU A 44 -12.12 -20.76 -4.68
N PRO A 45 -12.21 -22.02 -4.24
CA PRO A 45 -13.33 -22.50 -3.44
C PRO A 45 -13.34 -21.91 -2.03
N TRP A 46 -12.16 -21.87 -1.41
CA TRP A 46 -12.03 -21.33 -0.06
C TRP A 46 -11.73 -19.83 -0.11
N ARG A 47 -10.94 -19.42 -1.08
CA ARG A 47 -10.57 -18.02 -1.24
C ARG A 47 -9.83 -17.51 0.00
N GLY A 48 -8.59 -17.97 0.16
CA GLY A 48 -7.80 -17.55 1.31
C GLY A 48 -7.75 -16.04 1.46
N ARG A 49 -8.51 -15.52 2.42
CA ARG A 49 -8.55 -14.09 2.67
C ARG A 49 -7.68 -13.71 3.87
N GLN A 50 -6.99 -12.58 3.78
CA GLN A 50 -6.13 -12.12 4.86
C GLN A 50 -6.94 -11.42 5.93
N MET A 1 -4.19 1.35 23.49
CA MET A 1 -3.02 1.31 24.36
C MET A 1 -2.95 -0.04 25.09
N GLU A 2 -1.79 -0.68 25.00
CA GLU A 2 -1.59 -1.98 25.65
C GLU A 2 -2.64 -2.99 25.20
N ALA A 3 -2.91 -3.01 23.89
CA ALA A 3 -3.89 -3.92 23.33
C ALA A 3 -3.21 -5.14 22.72
N LEU A 4 -2.02 -4.94 22.18
CA LEU A 4 -1.26 -6.03 21.56
C LEU A 4 -2.12 -6.76 20.54
N SER A 5 -3.09 -6.06 19.96
CA SER A 5 -3.97 -6.66 18.97
C SER A 5 -3.41 -6.48 17.56
N TRP A 6 -3.36 -7.59 16.81
CA TRP A 6 -2.83 -7.56 15.46
C TRP A 6 -3.86 -7.01 14.49
N ASP A 7 -5.14 -7.25 14.77
CA ASP A 7 -6.22 -6.76 13.93
C ASP A 7 -6.13 -5.24 13.75
N CYS A 8 -5.84 -4.55 14.84
CA CYS A 8 -5.74 -3.09 14.81
C CYS A 8 -4.36 -2.66 14.33
N PHE A 9 -3.40 -3.59 14.37
CA PHE A 9 -2.04 -3.31 13.94
C PHE A 9 -1.95 -3.23 12.42
N ALA A 10 -2.26 -4.34 11.77
CA ALA A 10 -2.21 -4.41 10.31
C ALA A 10 -3.15 -3.38 9.69
N LEU A 11 -4.40 -3.37 10.15
CA LEU A 11 -5.39 -2.43 9.63
C LEU A 11 -4.85 -1.00 9.63
N SER A 12 -4.31 -0.58 10.78
CA SER A 12 -3.75 0.76 10.91
C SER A 12 -2.76 1.05 9.78
N LEU A 13 -1.98 0.04 9.42
CA LEU A 13 -1.00 0.20 8.36
C LEU A 13 -1.66 0.19 6.98
N LEU A 14 -2.56 -0.76 6.78
CA LEU A 14 -3.28 -0.87 5.51
C LEU A 14 -4.05 0.40 5.21
N ALA A 15 -4.62 1.01 6.24
CA ALA A 15 -5.38 2.24 6.10
C ALA A 15 -4.52 3.37 5.52
N VAL A 16 -3.27 3.44 5.98
CA VAL A 16 -2.35 4.46 5.52
C VAL A 16 -1.76 4.09 4.16
N ALA A 17 -1.36 2.83 4.02
CA ALA A 17 -0.78 2.33 2.79
C ALA A 17 -1.75 2.50 1.62
N LEU A 18 -3.00 2.10 1.83
CA LEU A 18 -4.02 2.21 0.79
C LEU A 18 -4.53 3.65 0.68
N GLY A 19 -4.68 4.32 1.82
CA GLY A 19 -5.15 5.68 1.83
C GLY A 19 -4.29 6.60 0.99
N LEU A 20 -2.98 6.48 1.15
CA LEU A 20 -2.03 7.31 0.41
C LEU A 20 -1.63 6.63 -0.90
N GLY A 21 -1.57 5.31 -0.89
CA GLY A 21 -1.22 4.57 -2.08
C GLY A 21 -2.27 4.65 -3.16
N VAL A 22 -3.52 4.84 -2.75
CA VAL A 22 -4.63 4.94 -3.70
C VAL A 22 -4.46 6.14 -4.62
N PRO A 23 -4.35 7.33 -4.03
CA PRO A 23 -4.19 8.58 -4.78
C PRO A 23 -2.81 8.67 -5.44
N MET A 24 -1.82 8.02 -4.83
CA MET A 24 -0.46 8.03 -5.36
C MET A 24 -0.34 7.08 -6.55
N LEU A 25 -0.60 5.81 -6.32
CA LEU A 25 -0.51 4.80 -7.38
C LEU A 25 -1.31 5.23 -8.60
N HIS A 26 -2.43 5.91 -8.37
CA HIS A 26 -3.28 6.38 -9.45
C HIS A 26 -2.47 7.18 -10.47
N HIS A 27 -1.57 8.01 -9.97
CA HIS A 27 -0.73 8.83 -10.83
C HIS A 27 0.23 7.97 -11.66
N LEU A 28 0.57 6.80 -11.13
CA LEU A 28 1.47 5.88 -11.81
C LEU A 28 0.71 5.02 -12.81
N CYS A 29 -0.53 4.68 -12.46
CA CYS A 29 -1.37 3.85 -13.34
C CYS A 29 -0.65 2.56 -13.71
N GLY A 30 0.05 1.97 -12.75
CA GLY A 30 0.77 0.74 -13.00
C GLY A 30 -0.15 -0.47 -13.05
N TRP A 31 -1.21 -0.44 -12.25
CA TRP A 31 -2.17 -1.55 -12.20
C TRP A 31 -2.81 -1.76 -13.57
N ASP A 32 -3.76 -2.69 -13.63
CA ASP A 32 -4.46 -2.99 -14.87
C ASP A 32 -5.78 -2.22 -14.95
N LEU A 33 -6.24 -1.97 -16.17
CA LEU A 33 -7.49 -1.25 -16.38
C LEU A 33 -8.69 -2.16 -16.12
N TRP A 34 -8.57 -3.43 -16.50
CA TRP A 34 -9.64 -4.39 -16.29
C TRP A 34 -10.13 -4.37 -14.84
N TYR A 35 -9.20 -4.18 -13.92
CA TYR A 35 -9.52 -4.15 -12.50
C TYR A 35 -10.29 -2.88 -12.15
N CYS A 36 -9.91 -1.77 -12.78
CA CYS A 36 -10.57 -0.49 -12.55
C CYS A 36 -12.06 -0.59 -12.82
N PHE A 37 -12.41 -1.11 -13.98
CA PHE A 37 -13.81 -1.26 -14.37
C PHE A 37 -14.47 -2.42 -13.62
N HIS A 38 -13.74 -3.52 -13.49
CA HIS A 38 -14.25 -4.69 -12.79
C HIS A 38 -14.73 -4.33 -11.39
N LEU A 39 -14.05 -3.38 -10.75
CA LEU A 39 -14.41 -2.94 -9.41
C LEU A 39 -15.83 -2.39 -9.39
N CYS A 40 -16.06 -1.31 -10.12
CA CYS A 40 -17.38 -0.69 -10.18
C CYS A 40 -18.40 -1.64 -10.80
N LEU A 41 -17.95 -2.44 -11.77
CA LEU A 41 -18.83 -3.39 -12.43
C LEU A 41 -19.33 -4.44 -11.46
N ALA A 42 -18.44 -4.89 -10.57
CA ALA A 42 -18.80 -5.90 -9.59
C ALA A 42 -19.70 -5.31 -8.50
N TRP A 43 -19.51 -4.03 -8.21
CA TRP A 43 -20.30 -3.35 -7.19
C TRP A 43 -21.76 -3.23 -7.63
N LEU A 44 -21.98 -3.24 -8.94
CA LEU A 44 -23.32 -3.13 -9.48
C LEU A 44 -24.28 -4.12 -8.79
N PRO A 45 -25.58 -3.80 -8.81
CA PRO A 45 -26.60 -4.64 -8.20
C PRO A 45 -26.82 -5.94 -8.96
N TRP A 46 -26.75 -5.86 -10.28
CA TRP A 46 -26.93 -7.04 -11.13
C TRP A 46 -26.22 -6.86 -12.47
N ARG A 47 -24.94 -7.21 -12.50
CA ARG A 47 -24.14 -7.08 -13.71
C ARG A 47 -24.82 -7.81 -14.88
N GLY A 48 -24.32 -7.57 -16.09
CA GLY A 48 -24.88 -8.20 -17.27
C GLY A 48 -23.91 -9.16 -17.94
N ARG A 49 -22.68 -8.72 -18.12
CA ARG A 49 -21.66 -9.55 -18.76
C ARG A 49 -20.28 -9.24 -18.17
N GLN A 50 -19.51 -10.30 -17.89
CA GLN A 50 -18.18 -10.15 -17.33
C GLN A 50 -17.31 -9.28 -18.24
N MET A 1 -10.39 -5.92 27.90
CA MET A 1 -10.78 -6.17 26.52
C MET A 1 -9.95 -5.33 25.55
N GLU A 2 -8.65 -5.26 25.80
CA GLU A 2 -7.75 -4.50 24.94
C GLU A 2 -6.36 -5.11 24.93
N ALA A 3 -6.06 -5.84 23.86
CA ALA A 3 -4.75 -6.49 23.72
C ALA A 3 -3.73 -5.53 23.10
N LEU A 4 -4.21 -4.65 22.22
CA LEU A 4 -3.34 -3.69 21.56
C LEU A 4 -2.18 -4.39 20.86
N SER A 5 -2.40 -5.65 20.46
CA SER A 5 -1.38 -6.42 19.78
C SER A 5 -1.15 -5.89 18.37
N TRP A 6 -0.11 -6.40 17.72
CA TRP A 6 0.23 -5.98 16.37
C TRP A 6 -0.94 -6.22 15.42
N ASP A 7 -1.82 -7.14 15.79
CA ASP A 7 -2.98 -7.46 14.97
C ASP A 7 -3.86 -6.22 14.75
N CYS A 8 -3.84 -5.32 15.74
CA CYS A 8 -4.64 -4.10 15.65
C CYS A 8 -3.92 -3.04 14.81
N PHE A 9 -2.60 -3.18 14.71
CA PHE A 9 -1.79 -2.23 13.94
C PHE A 9 -1.89 -2.53 12.45
N ALA A 10 -1.90 -3.81 12.11
CA ALA A 10 -1.99 -4.22 10.71
C ALA A 10 -3.15 -3.53 10.01
N LEU A 11 -4.36 -3.74 10.52
CA LEU A 11 -5.56 -3.14 9.94
C LEU A 11 -5.40 -1.63 9.81
N SER A 12 -4.73 -1.02 10.79
CA SER A 12 -4.51 0.42 10.78
C SER A 12 -3.52 0.82 9.69
N LEU A 13 -2.52 -0.02 9.47
CA LEU A 13 -1.50 0.24 8.45
C LEU A 13 -2.12 0.22 7.06
N LEU A 14 -3.07 -0.69 6.85
CA LEU A 14 -3.75 -0.82 5.56
C LEU A 14 -4.41 0.50 5.16
N ALA A 15 -5.17 1.07 6.09
CA ALA A 15 -5.86 2.33 5.85
C ALA A 15 -4.90 3.39 5.30
N VAL A 16 -3.66 3.35 5.76
CA VAL A 16 -2.64 4.29 5.32
C VAL A 16 -2.06 3.88 3.97
N ALA A 17 -1.77 2.60 3.83
CA ALA A 17 -1.21 2.08 2.57
C ALA A 17 -2.10 2.41 1.40
N LEU A 18 -3.39 2.15 1.54
CA LEU A 18 -4.36 2.42 0.48
C LEU A 18 -4.69 3.91 0.41
N GLY A 19 -4.75 4.55 1.57
CA GLY A 19 -5.06 5.97 1.62
C GLY A 19 -4.02 6.80 0.88
N LEU A 20 -2.75 6.46 1.05
CA LEU A 20 -1.67 7.18 0.40
C LEU A 20 -1.33 6.56 -0.95
N GLY A 21 -1.47 5.24 -1.04
CA GLY A 21 -1.18 4.55 -2.28
C GLY A 21 -2.19 4.86 -3.38
N VAL A 22 -3.46 4.95 -2.99
CA VAL A 22 -4.53 5.25 -3.94
C VAL A 22 -4.19 6.47 -4.77
N PRO A 23 -3.97 7.61 -4.10
CA PRO A 23 -3.63 8.88 -4.77
C PRO A 23 -2.24 8.85 -5.39
N MET A 24 -1.34 8.10 -4.78
CA MET A 24 0.03 7.99 -5.27
C MET A 24 0.07 7.24 -6.61
N LEU A 25 -0.80 6.25 -6.74
CA LEU A 25 -0.87 5.46 -7.96
C LEU A 25 -1.72 6.15 -9.02
N HIS A 26 -2.82 6.76 -8.57
CA HIS A 26 -3.73 7.46 -9.48
C HIS A 26 -2.96 8.46 -10.34
N HIS A 27 -1.95 9.08 -9.76
CA HIS A 27 -1.14 10.07 -10.48
C HIS A 27 -0.20 9.37 -11.47
N LEU A 28 0.23 8.17 -11.12
CA LEU A 28 1.12 7.40 -11.98
C LEU A 28 0.51 7.17 -13.35
N CYS A 29 -0.70 6.62 -13.36
CA CYS A 29 -1.40 6.34 -14.61
C CYS A 29 -0.62 5.36 -15.47
N GLY A 30 -0.38 4.16 -14.95
CA GLY A 30 0.36 3.16 -15.69
C GLY A 30 1.34 2.39 -14.81
N TRP A 31 0.79 1.53 -13.95
CA TRP A 31 1.62 0.74 -13.06
C TRP A 31 2.69 -0.03 -13.83
N ASP A 32 3.92 -0.01 -13.31
CA ASP A 32 5.03 -0.69 -13.96
C ASP A 32 4.97 -2.20 -13.67
N LEU A 33 4.81 -2.98 -14.73
CA LEU A 33 4.75 -4.43 -14.60
C LEU A 33 6.13 -5.03 -14.40
N TRP A 34 7.11 -4.47 -15.10
CA TRP A 34 8.49 -4.95 -15.00
C TRP A 34 9.00 -4.83 -13.56
N TYR A 35 8.58 -3.77 -12.87
CA TYR A 35 9.00 -3.55 -11.50
C TYR A 35 8.47 -4.64 -10.58
N CYS A 36 7.24 -5.08 -10.84
CA CYS A 36 6.62 -6.12 -10.03
C CYS A 36 7.48 -7.39 -10.03
N PHE A 37 8.04 -7.72 -11.18
CA PHE A 37 8.87 -8.90 -11.31
C PHE A 37 10.31 -8.61 -10.89
N HIS A 38 10.79 -7.42 -11.25
CA HIS A 38 12.15 -7.02 -10.91
C HIS A 38 12.36 -7.06 -9.40
N LEU A 39 11.31 -6.78 -8.65
CA LEU A 39 11.38 -6.79 -7.20
C LEU A 39 11.77 -8.17 -6.67
N CYS A 40 10.92 -9.16 -6.93
CA CYS A 40 11.17 -10.52 -6.48
C CYS A 40 12.47 -11.06 -7.10
N LEU A 41 12.65 -10.81 -8.39
CA LEU A 41 13.85 -11.27 -9.09
C LEU A 41 15.11 -10.69 -8.45
N ALA A 42 15.03 -9.43 -8.03
CA ALA A 42 16.15 -8.75 -7.40
C ALA A 42 16.33 -9.20 -5.96
N TRP A 43 15.23 -9.63 -5.34
CA TRP A 43 15.26 -10.08 -3.95
C TRP A 43 15.48 -11.59 -3.88
N LEU A 44 15.99 -12.16 -4.96
CA LEU A 44 16.26 -13.59 -5.02
C LEU A 44 17.51 -13.95 -4.22
N PRO A 45 17.57 -15.21 -3.76
CA PRO A 45 18.71 -15.71 -2.98
C PRO A 45 19.97 -15.84 -3.81
N TRP A 46 19.83 -16.40 -5.01
CA TRP A 46 20.96 -16.59 -5.91
C TRP A 46 21.29 -15.30 -6.65
N ARG A 47 20.26 -14.51 -6.94
CA ARG A 47 20.43 -13.25 -7.65
C ARG A 47 19.80 -12.10 -6.88
N GLY A 48 20.51 -11.62 -5.86
CA GLY A 48 20.00 -10.52 -5.06
C GLY A 48 21.03 -9.98 -4.09
N ARG A 49 20.85 -8.74 -3.66
CA ARG A 49 21.77 -8.10 -2.73
C ARG A 49 21.04 -7.16 -1.79
N GLN A 50 21.57 -7.01 -0.58
CA GLN A 50 20.96 -6.13 0.42
C GLN A 50 21.18 -4.67 0.06
N MET A 1 -11.43 -5.01 26.67
CA MET A 1 -11.75 -5.25 25.27
C MET A 1 -10.81 -4.45 24.37
N GLU A 2 -9.54 -4.37 24.75
CA GLU A 2 -8.54 -3.64 23.98
C GLU A 2 -7.16 -4.23 24.17
N ALA A 3 -6.71 -5.02 23.19
CA ALA A 3 -5.40 -5.64 23.26
C ALA A 3 -4.31 -4.70 22.76
N LEU A 4 -4.67 -3.86 21.79
CA LEU A 4 -3.72 -2.90 21.23
C LEU A 4 -2.47 -3.61 20.72
N SER A 5 -2.63 -4.88 20.35
CA SER A 5 -1.50 -5.66 19.84
C SER A 5 -1.23 -5.35 18.38
N TRP A 6 -0.27 -6.06 17.80
CA TRP A 6 0.09 -5.85 16.39
C TRP A 6 -1.10 -6.13 15.48
N ASP A 7 -1.97 -7.04 15.90
CA ASP A 7 -3.14 -7.39 15.13
C ASP A 7 -3.98 -6.15 14.81
N CYS A 8 -3.99 -5.20 15.74
CA CYS A 8 -4.74 -3.96 15.55
C CYS A 8 -3.96 -2.97 14.70
N PHE A 9 -2.65 -3.15 14.64
CA PHE A 9 -1.79 -2.27 13.87
C PHE A 9 -1.89 -2.57 12.37
N ALA A 10 -2.01 -3.85 12.05
CA ALA A 10 -2.13 -4.27 10.66
C ALA A 10 -3.26 -3.53 9.95
N LEU A 11 -4.48 -3.69 10.45
CA LEU A 11 -5.64 -3.04 9.87
C LEU A 11 -5.42 -1.54 9.73
N SER A 12 -4.72 -0.96 10.71
CA SER A 12 -4.43 0.47 10.70
C SER A 12 -3.44 0.82 9.60
N LEU A 13 -2.46 -0.06 9.40
CA LEU A 13 -1.44 0.15 8.38
C LEU A 13 -2.06 0.15 6.98
N LEU A 14 -3.04 -0.72 6.78
CA LEU A 14 -3.71 -0.82 5.49
C LEU A 14 -4.42 0.49 5.14
N ALA A 15 -5.04 1.11 6.13
CA ALA A 15 -5.74 2.37 5.92
C ALA A 15 -4.80 3.44 5.36
N VAL A 16 -3.55 3.41 5.82
CA VAL A 16 -2.55 4.37 5.37
C VAL A 16 -1.96 3.96 4.02
N ALA A 17 -1.64 2.68 3.90
CA ALA A 17 -1.06 2.15 2.66
C ALA A 17 -1.99 2.44 1.47
N LEU A 18 -3.26 2.12 1.63
CA LEU A 18 -4.24 2.34 0.57
C LEU A 18 -4.62 3.81 0.48
N GLY A 19 -4.71 4.47 1.63
CA GLY A 19 -5.06 5.88 1.66
C GLY A 19 -4.06 6.75 0.93
N LEU A 20 -2.77 6.42 1.08
CA LEU A 20 -1.72 7.19 0.43
C LEU A 20 -1.36 6.57 -0.92
N GLY A 21 -1.46 5.25 -1.01
CA GLY A 21 -1.14 4.57 -2.26
C GLY A 21 -2.17 4.83 -3.33
N VAL A 22 -3.44 4.88 -2.94
CA VAL A 22 -4.52 5.13 -3.88
C VAL A 22 -4.24 6.36 -4.74
N PRO A 23 -4.06 7.51 -4.07
CA PRO A 23 -3.78 8.78 -4.74
C PRO A 23 -2.39 8.81 -5.37
N MET A 24 -1.45 8.10 -4.75
CA MET A 24 -0.09 8.05 -5.26
C MET A 24 -0.02 7.31 -6.58
N LEU A 25 -0.83 6.26 -6.71
CA LEU A 25 -0.87 5.46 -7.93
C LEU A 25 -1.81 6.08 -8.95
N HIS A 26 -2.97 6.55 -8.49
CA HIS A 26 -3.95 7.17 -9.37
C HIS A 26 -3.31 8.27 -10.21
N HIS A 27 -2.44 9.06 -9.57
CA HIS A 27 -1.77 10.15 -10.26
C HIS A 27 -0.54 9.64 -11.02
N LEU A 28 0.08 8.60 -10.50
CA LEU A 28 1.26 8.02 -11.12
C LEU A 28 0.94 7.49 -12.51
N CYS A 29 -0.09 6.65 -12.60
CA CYS A 29 -0.50 6.08 -13.88
C CYS A 29 0.68 5.47 -14.61
N GLY A 30 1.46 4.65 -13.91
CA GLY A 30 2.62 4.02 -14.51
C GLY A 30 2.56 2.50 -14.42
N TRP A 31 1.38 1.95 -14.63
CA TRP A 31 1.20 0.51 -14.56
C TRP A 31 1.36 -0.13 -15.94
N ASP A 32 2.11 -1.22 -16.00
CA ASP A 32 2.35 -1.92 -17.26
C ASP A 32 2.25 -3.43 -17.07
N LEU A 33 2.64 -4.17 -18.09
CA LEU A 33 2.60 -5.63 -18.05
C LEU A 33 3.78 -6.18 -17.25
N TRP A 34 4.96 -5.62 -17.47
CA TRP A 34 6.16 -6.04 -16.78
C TRP A 34 6.02 -5.85 -15.27
N TYR A 35 5.24 -4.86 -14.88
CA TYR A 35 5.02 -4.57 -13.46
C TYR A 35 4.20 -5.67 -12.81
N CYS A 36 3.11 -6.07 -13.46
CA CYS A 36 2.24 -7.11 -12.93
C CYS A 36 3.05 -8.36 -12.59
N PHE A 37 4.03 -8.68 -13.42
CA PHE A 37 4.87 -9.85 -13.20
C PHE A 37 6.02 -9.53 -12.25
N HIS A 38 6.59 -8.34 -12.41
CA HIS A 38 7.69 -7.91 -11.55
C HIS A 38 7.34 -8.07 -10.08
N LEU A 39 6.09 -7.78 -9.74
CA LEU A 39 5.63 -7.88 -8.37
C LEU A 39 5.86 -9.29 -7.82
N CYS A 40 5.20 -10.27 -8.41
CA CYS A 40 5.34 -11.66 -7.99
C CYS A 40 6.77 -12.14 -8.17
N LEU A 41 7.41 -11.69 -9.25
CA LEU A 41 8.78 -12.08 -9.53
C LEU A 41 9.73 -11.60 -8.44
N ALA A 42 9.46 -10.41 -7.92
CA ALA A 42 10.29 -9.84 -6.86
C ALA A 42 10.07 -10.57 -5.54
N TRP A 43 8.83 -10.98 -5.30
CA TRP A 43 8.50 -11.70 -4.07
C TRP A 43 9.15 -13.07 -4.04
N LEU A 44 9.57 -13.55 -5.20
CA LEU A 44 10.21 -14.85 -5.32
C LEU A 44 11.32 -14.99 -4.28
N PRO A 45 11.64 -16.25 -3.92
CA PRO A 45 12.68 -16.56 -2.94
C PRO A 45 14.08 -16.26 -3.48
N TRP A 46 14.31 -16.62 -4.73
CA TRP A 46 15.61 -16.39 -5.37
C TRP A 46 15.46 -16.27 -6.88
N ARG A 47 15.16 -15.06 -7.34
CA ARG A 47 14.99 -14.80 -8.76
C ARG A 47 16.19 -15.32 -9.55
N GLY A 48 16.05 -15.35 -10.88
CA GLY A 48 17.12 -15.83 -11.73
C GLY A 48 17.84 -14.71 -12.45
N ARG A 49 19.07 -14.42 -12.02
CA ARG A 49 19.86 -13.37 -12.64
C ARG A 49 20.17 -13.70 -14.10
N GLN A 50 20.95 -14.75 -14.31
CA GLN A 50 21.32 -15.17 -15.66
C GLN A 50 22.07 -14.05 -16.39
N MET A 1 -3.96 -1.42 28.99
CA MET A 1 -3.83 -2.85 28.70
C MET A 1 -4.35 -3.17 27.30
N GLU A 2 -3.49 -3.75 26.47
CA GLU A 2 -3.86 -4.10 25.11
C GLU A 2 -4.23 -2.85 24.30
N ALA A 3 -3.28 -1.92 24.18
CA ALA A 3 -3.51 -0.69 23.44
C ALA A 3 -3.10 -0.85 21.98
N LEU A 4 -2.08 -1.67 21.73
CA LEU A 4 -1.60 -1.90 20.38
C LEU A 4 -1.73 -3.37 20.00
N SER A 5 -2.91 -3.75 19.52
CA SER A 5 -3.17 -5.13 19.13
C SER A 5 -2.83 -5.34 17.66
N TRP A 6 -2.61 -6.59 17.28
CA TRP A 6 -2.27 -6.93 15.90
C TRP A 6 -3.41 -6.54 14.96
N ASP A 7 -4.64 -6.84 15.36
CA ASP A 7 -5.80 -6.51 14.55
C ASP A 7 -5.78 -5.04 14.13
N CYS A 8 -5.30 -4.19 15.02
CA CYS A 8 -5.24 -2.76 14.74
C CYS A 8 -3.92 -2.41 14.05
N PHE A 9 -2.87 -3.18 14.35
CA PHE A 9 -1.57 -2.94 13.76
C PHE A 9 -1.62 -3.05 12.23
N ALA A 10 -2.22 -4.14 11.75
CA ALA A 10 -2.34 -4.37 10.31
C ALA A 10 -3.42 -3.47 9.71
N LEU A 11 -4.60 -3.48 10.32
CA LEU A 11 -5.71 -2.68 9.85
C LEU A 11 -5.29 -1.22 9.66
N SER A 12 -4.61 -0.68 10.67
CA SER A 12 -4.15 0.71 10.61
C SER A 12 -3.15 0.91 9.47
N LEU A 13 -2.26 -0.06 9.29
CA LEU A 13 -1.26 0.00 8.23
C LEU A 13 -1.92 0.04 6.85
N LEU A 14 -2.91 -0.83 6.66
CA LEU A 14 -3.63 -0.90 5.38
C LEU A 14 -4.35 0.42 5.10
N ALA A 15 -4.84 1.06 6.15
CA ALA A 15 -5.54 2.32 6.01
C ALA A 15 -4.61 3.42 5.48
N VAL A 16 -3.37 3.41 5.94
CA VAL A 16 -2.39 4.39 5.53
C VAL A 16 -1.77 4.02 4.18
N ALA A 17 -1.28 2.79 4.09
CA ALA A 17 -0.67 2.31 2.85
C ALA A 17 -1.61 2.47 1.67
N LEU A 18 -2.85 2.00 1.83
CA LEU A 18 -3.85 2.10 0.78
C LEU A 18 -4.41 3.51 0.68
N GLY A 19 -4.54 4.17 1.83
CA GLY A 19 -5.06 5.53 1.85
C GLY A 19 -4.18 6.49 1.10
N LEU A 20 -2.86 6.34 1.24
CA LEU A 20 -1.90 7.21 0.57
C LEU A 20 -1.50 6.63 -0.79
N GLY A 21 -1.46 5.30 -0.87
CA GLY A 21 -1.08 4.66 -2.11
C GLY A 21 -2.15 4.81 -3.19
N VAL A 22 -3.41 4.68 -2.78
CA VAL A 22 -4.52 4.81 -3.72
C VAL A 22 -4.40 6.06 -4.57
N PRO A 23 -4.34 7.23 -3.89
CA PRO A 23 -4.21 8.52 -4.56
C PRO A 23 -2.85 8.72 -5.20
N MET A 24 -1.82 8.11 -4.61
CA MET A 24 -0.47 8.21 -5.12
C MET A 24 -0.34 7.51 -6.47
N LEU A 25 -1.04 6.38 -6.61
CA LEU A 25 -1.01 5.61 -7.84
C LEU A 25 -1.88 6.26 -8.91
N HIS A 26 -3.05 6.76 -8.50
CA HIS A 26 -3.98 7.40 -9.42
C HIS A 26 -3.27 8.49 -10.23
N HIS A 27 -2.71 9.46 -9.53
CA HIS A 27 -2.00 10.57 -10.17
C HIS A 27 -0.78 10.05 -10.95
N LEU A 28 -0.22 8.95 -10.48
CA LEU A 28 0.95 8.35 -11.12
C LEU A 28 0.69 8.11 -12.60
N CYS A 29 -0.44 7.46 -12.90
CA CYS A 29 -0.81 7.16 -14.28
C CYS A 29 -1.93 8.08 -14.75
N GLY A 30 -1.88 9.34 -14.33
CA GLY A 30 -2.90 10.29 -14.73
C GLY A 30 -2.44 11.73 -14.56
N TRP A 31 -1.32 12.07 -15.18
CA TRP A 31 -0.77 13.42 -15.10
C TRP A 31 -1.85 14.46 -15.43
N ASP A 32 -1.93 15.49 -14.61
CA ASP A 32 -2.91 16.55 -14.80
C ASP A 32 -2.23 17.90 -14.94
N LEU A 33 -3.02 18.97 -14.89
CA LEU A 33 -2.49 20.33 -15.01
C LEU A 33 -1.81 20.76 -13.71
N TRP A 34 -2.32 20.27 -12.59
CA TRP A 34 -1.77 20.60 -11.28
C TRP A 34 -0.30 20.17 -11.19
N TYR A 35 0.02 19.07 -11.85
CA TYR A 35 1.37 18.54 -11.84
C TYR A 35 2.36 19.56 -12.41
N CYS A 36 1.90 20.33 -13.38
CA CYS A 36 2.74 21.35 -14.02
C CYS A 36 3.31 22.31 -12.98
N PHE A 37 2.47 22.70 -12.02
CA PHE A 37 2.89 23.61 -10.97
C PHE A 37 3.59 22.87 -9.84
N HIS A 38 3.05 21.71 -9.49
CA HIS A 38 3.62 20.90 -8.41
C HIS A 38 5.10 20.61 -8.68
N LEU A 39 5.46 20.49 -9.95
CA LEU A 39 6.84 20.23 -10.33
C LEU A 39 7.76 21.36 -9.87
N CYS A 40 7.44 22.58 -10.28
CA CYS A 40 8.23 23.74 -9.90
C CYS A 40 8.30 23.89 -8.38
N LEU A 41 7.19 23.58 -7.72
CA LEU A 41 7.12 23.68 -6.26
C LEU A 41 8.01 22.64 -5.60
N ALA A 42 7.82 21.37 -5.96
CA ALA A 42 8.62 20.29 -5.41
C ALA A 42 10.08 20.42 -5.82
N TRP A 43 10.35 21.25 -6.83
CA TRP A 43 11.71 21.46 -7.30
C TRP A 43 12.35 22.64 -6.60
N LEU A 44 11.81 23.01 -5.46
CA LEU A 44 12.34 24.14 -4.68
C LEU A 44 13.84 24.00 -4.48
N PRO A 45 14.52 25.15 -4.29
CA PRO A 45 15.97 25.18 -4.08
C PRO A 45 16.37 24.59 -2.73
N TRP A 46 15.64 24.95 -1.69
CA TRP A 46 15.93 24.46 -0.34
C TRP A 46 16.08 22.94 -0.34
N ARG A 47 14.95 22.24 -0.43
CA ARG A 47 14.96 20.78 -0.43
C ARG A 47 15.41 20.24 -1.79
N GLY A 48 15.97 19.04 -1.79
CA GLY A 48 16.43 18.45 -3.03
C GLY A 48 15.82 17.08 -3.27
N ARG A 49 16.62 16.04 -3.09
CA ARG A 49 16.16 14.67 -3.30
C ARG A 49 17.01 13.67 -2.51
N GLN A 50 16.44 12.52 -2.21
CA GLN A 50 17.15 11.49 -1.47
C GLN A 50 17.63 10.37 -2.39
N MET A 1 3.34 -5.22 22.71
CA MET A 1 2.67 -4.91 23.97
C MET A 1 1.18 -4.67 23.74
N GLU A 2 0.48 -4.26 24.80
CA GLU A 2 -0.95 -4.00 24.72
C GLU A 2 -1.22 -2.75 23.89
N ALA A 3 -0.36 -1.75 24.03
CA ALA A 3 -0.51 -0.50 23.29
C ALA A 3 -0.30 -0.71 21.79
N LEU A 4 0.57 -1.67 21.46
CA LEU A 4 0.87 -1.97 20.07
C LEU A 4 0.37 -3.37 19.70
N SER A 5 -0.93 -3.47 19.40
CA SER A 5 -1.54 -4.74 19.02
C SER A 5 -1.46 -4.97 17.52
N TRP A 6 -1.09 -6.18 17.13
CA TRP A 6 -0.98 -6.52 15.71
C TRP A 6 -2.32 -6.38 15.01
N ASP A 7 -3.39 -6.78 15.71
CA ASP A 7 -4.74 -6.70 15.15
C ASP A 7 -5.01 -5.31 14.60
N CYS A 8 -4.65 -4.28 15.35
CA CYS A 8 -4.86 -2.90 14.93
C CYS A 8 -3.68 -2.40 14.11
N PHE A 9 -2.53 -3.05 14.28
CA PHE A 9 -1.33 -2.67 13.55
C PHE A 9 -1.52 -2.83 12.05
N ALA A 10 -2.02 -3.99 11.64
CA ALA A 10 -2.25 -4.28 10.23
C ALA A 10 -3.46 -3.52 9.72
N LEU A 11 -4.57 -3.61 10.45
CA LEU A 11 -5.80 -2.92 10.07
C LEU A 11 -5.56 -1.43 9.85
N SER A 12 -4.77 -0.83 10.74
CA SER A 12 -4.47 0.60 10.64
C SER A 12 -3.44 0.85 9.54
N LEU A 13 -2.50 -0.08 9.38
CA LEU A 13 -1.46 0.05 8.37
C LEU A 13 -2.07 0.07 6.96
N LEU A 14 -3.04 -0.82 6.73
CA LEU A 14 -3.70 -0.90 5.44
C LEU A 14 -4.43 0.40 5.10
N ALA A 15 -4.97 1.04 6.14
CA ALA A 15 -5.67 2.31 5.96
C ALA A 15 -4.75 3.39 5.43
N VAL A 16 -3.52 3.40 5.92
CA VAL A 16 -2.53 4.38 5.50
C VAL A 16 -1.88 3.99 4.18
N ALA A 17 -1.53 2.71 4.06
CA ALA A 17 -0.90 2.20 2.85
C ALA A 17 -1.80 2.41 1.64
N LEU A 18 -3.05 1.97 1.75
CA LEU A 18 -4.01 2.11 0.67
C LEU A 18 -4.51 3.55 0.56
N GLY A 19 -4.66 4.20 1.71
CA GLY A 19 -5.13 5.58 1.73
C GLY A 19 -4.17 6.53 1.03
N LEU A 20 -2.88 6.30 1.20
CA LEU A 20 -1.87 7.14 0.58
C LEU A 20 -1.44 6.58 -0.77
N GLY A 21 -1.43 5.26 -0.88
CA GLY A 21 -1.05 4.61 -2.13
C GLY A 21 -2.08 4.81 -3.21
N VAL A 22 -3.36 4.76 -2.84
CA VAL A 22 -4.44 4.94 -3.79
C VAL A 22 -4.25 6.20 -4.63
N PRO A 23 -4.16 7.35 -3.94
CA PRO A 23 -3.97 8.65 -4.59
C PRO A 23 -2.59 8.80 -5.20
N MET A 24 -1.59 8.16 -4.59
CA MET A 24 -0.22 8.21 -5.07
C MET A 24 -0.10 7.50 -6.42
N LEU A 25 -0.77 6.37 -6.56
CA LEU A 25 -0.74 5.60 -7.79
C LEU A 25 -1.75 6.13 -8.80
N HIS A 26 -2.91 6.56 -8.30
CA HIS A 26 -3.95 7.10 -9.16
C HIS A 26 -3.41 8.21 -10.06
N HIS A 27 -2.58 9.08 -9.49
CA HIS A 27 -1.99 10.17 -10.24
C HIS A 27 -0.94 9.66 -11.22
N LEU A 28 -0.28 8.57 -10.85
CA LEU A 28 0.76 7.98 -11.69
C LEU A 28 0.18 7.54 -13.04
N CYS A 29 -0.87 6.74 -12.98
CA CYS A 29 -1.52 6.25 -14.19
C CYS A 29 -0.51 5.56 -15.11
N GLY A 30 0.20 4.58 -14.56
CA GLY A 30 1.19 3.86 -15.34
C GLY A 30 2.10 3.00 -14.48
N TRP A 31 1.55 1.92 -13.94
CA TRP A 31 2.32 1.01 -13.10
C TRP A 31 3.47 0.39 -13.87
N ASP A 32 4.65 0.36 -13.25
CA ASP A 32 5.83 -0.20 -13.88
C ASP A 32 5.90 -1.71 -13.65
N LEU A 33 6.20 -2.46 -14.70
CA LEU A 33 6.30 -3.91 -14.61
C LEU A 33 7.62 -4.33 -13.97
N TRP A 34 8.69 -3.62 -14.31
CA TRP A 34 10.01 -3.91 -13.77
C TRP A 34 10.01 -3.83 -12.25
N TYR A 35 9.23 -2.89 -11.72
CA TYR A 35 9.14 -2.70 -10.28
C TYR A 35 8.62 -3.96 -9.60
N CYS A 36 7.67 -4.62 -10.24
CA CYS A 36 7.08 -5.85 -9.70
C CYS A 36 8.16 -6.87 -9.37
N PHE A 37 9.16 -6.97 -10.24
CA PHE A 37 10.25 -7.92 -10.05
C PHE A 37 11.33 -7.32 -9.16
N HIS A 38 11.65 -6.05 -9.39
CA HIS A 38 12.66 -5.36 -8.61
C HIS A 38 12.31 -5.36 -7.13
N LEU A 39 11.01 -5.33 -6.84
CA LEU A 39 10.53 -5.32 -5.46
C LEU A 39 10.97 -6.58 -4.73
N CYS A 40 10.51 -7.74 -5.22
CA CYS A 40 10.85 -9.02 -4.61
C CYS A 40 12.37 -9.21 -4.56
N LEU A 41 13.03 -8.86 -5.66
CA LEU A 41 14.48 -8.99 -5.74
C LEU A 41 15.18 -8.13 -4.70
N ALA A 42 14.71 -6.89 -4.56
CA ALA A 42 15.28 -5.96 -3.59
C ALA A 42 14.95 -6.38 -2.17
N TRP A 43 13.79 -7.03 -2.00
CA TRP A 43 13.36 -7.48 -0.69
C TRP A 43 13.81 -8.91 -0.43
N LEU A 44 14.81 -9.36 -1.18
CA LEU A 44 15.34 -10.71 -1.03
C LEU A 44 16.02 -10.87 0.32
N PRO A 45 16.08 -12.13 0.80
CA PRO A 45 16.71 -12.45 2.09
C PRO A 45 18.23 -12.30 2.04
N TRP A 46 18.84 -12.80 0.98
CA TRP A 46 20.29 -12.71 0.82
C TRP A 46 20.65 -12.40 -0.63
N ARG A 47 20.61 -11.12 -0.99
CA ARG A 47 20.93 -10.69 -2.34
C ARG A 47 22.22 -9.87 -2.36
N GLY A 48 22.58 -9.38 -3.53
CA GLY A 48 23.79 -8.57 -3.65
C GLY A 48 23.69 -7.53 -4.75
N ARG A 49 24.75 -6.76 -4.93
CA ARG A 49 24.77 -5.72 -5.95
C ARG A 49 26.09 -5.72 -6.72
N GLN A 50 26.01 -5.96 -8.03
CA GLN A 50 27.19 -6.00 -8.87
C GLN A 50 27.99 -4.71 -8.75
#